data_3RIH
#
_entry.id   3RIH
#
_cell.length_a   208.550
_cell.length_b   208.550
_cell.length_c   94.670
_cell.angle_alpha   90.000
_cell.angle_beta   90.000
_cell.angle_gamma   90.000
#
_symmetry.space_group_name_H-M   'P 43 21 2'
#
loop_
_entity.id
_entity.type
_entity.pdbx_description
1 polymer 'short chain dehydrogenase or reductase'
2 non-polymer 'POTASSIUM ION'
3 non-polymer 1-METHOXY-2-[2-(2-METHOXY-ETHOXY]-ETHANE
4 non-polymer 1,2-ETHANEDIOL
5 water water
#
_entity_poly.entity_id   1
_entity_poly.type   'polypeptide(L)'
_entity_poly.pdbx_seq_one_letter_code
;MAHHHHHHMGTLEAQTQGPGSMLVVESAEPAERKVMFDLSARSVLVTGGTKGIGRGIATVFARAGANVAVAARSPRELSS
VTAELGELGAGNVIGVRLDVSDPGSCADAARTVVDAFGALDVVCANAGIFPEARLDTMTPEQLSEVLDVNVKGTVYTVQA
CLAPLTASGRGRVILTSSITGPVTGYPGWSHYGASKAAQLGFMRTAAIELAPRGVTVNAILPGNILTEGLVDMGEEYISG
MARSIPMGMLGSPVDIGHLAAFLATDEAGYITGQAIVVDGGQVLPESPDAVNP
;
_entity_poly.pdbx_strand_id   A,B,C,D
#
# COMPACT_ATOMS: atom_id res chain seq x y z
N LYS A 34 -23.96 -27.72 -0.98
CA LYS A 34 -25.07 -27.43 -0.01
C LYS A 34 -24.54 -26.69 1.22
N VAL A 35 -23.44 -27.19 1.79
CA VAL A 35 -22.88 -26.58 2.99
C VAL A 35 -21.91 -25.44 2.57
N MET A 36 -22.17 -24.23 3.07
CA MET A 36 -21.34 -23.08 2.75
C MET A 36 -19.99 -23.14 3.50
N PHE A 37 -18.91 -22.85 2.76
CA PHE A 37 -17.55 -22.86 3.34
C PHE A 37 -17.11 -24.26 3.83
N ASP A 38 -17.51 -25.29 3.10
CA ASP A 38 -17.19 -26.67 3.49
C ASP A 38 -15.69 -26.91 3.33
N LEU A 39 -15.06 -27.43 4.38
CA LEU A 39 -13.64 -27.83 4.33
C LEU A 39 -13.42 -29.32 4.64
N SER A 40 -14.51 -30.07 4.76
CA SER A 40 -14.44 -31.47 5.22
C SER A 40 -13.72 -32.39 4.23
N ALA A 41 -13.53 -31.94 2.98
CA ALA A 41 -12.75 -32.74 2.03
C ALA A 41 -11.28 -32.28 1.88
N ARG A 42 -10.81 -31.38 2.74
CA ARG A 42 -9.46 -30.82 2.58
C ARG A 42 -8.38 -31.62 3.30
N SER A 43 -7.16 -31.55 2.76
CA SER A 43 -5.99 -32.13 3.39
C SER A 43 -4.94 -31.03 3.59
N VAL A 44 -4.66 -30.72 4.85
CA VAL A 44 -3.99 -29.48 5.22
C VAL A 44 -2.65 -29.76 5.91
N LEU A 45 -1.61 -29.04 5.51
CA LEU A 45 -0.34 -29.03 6.23
C LEU A 45 -0.17 -27.68 6.94
N VAL A 46 0.01 -27.72 8.26
CA VAL A 46 0.29 -26.49 9.01
C VAL A 46 1.71 -26.55 9.59
N THR A 47 2.62 -25.74 9.07
CA THR A 47 4.01 -25.69 9.61
C THR A 47 4.05 -24.87 10.91
N GLY A 48 4.95 -25.21 11.84
CA GLY A 48 4.90 -24.66 13.22
C GLY A 48 3.51 -24.78 13.84
N GLY A 49 2.87 -25.93 13.68
CA GLY A 49 1.45 -26.07 14.05
C GLY A 49 1.11 -26.45 15.48
N THR A 50 2.12 -26.74 16.30
CA THR A 50 1.87 -27.24 17.67
C THR A 50 1.73 -26.11 18.70
N LYS A 51 2.08 -24.87 18.31
CA LYS A 51 2.10 -23.73 19.23
C LYS A 51 1.56 -22.44 18.62
N GLY A 52 1.09 -21.54 19.48
CA GLY A 52 0.78 -20.16 19.11
C GLY A 52 -0.20 -20.04 17.97
N ILE A 53 0.11 -19.17 17.02
CA ILE A 53 -0.75 -18.95 15.85
C ILE A 53 -0.98 -20.24 15.05
N GLY A 54 0.07 -21.02 14.83
CA GLY A 54 -0.02 -22.25 14.06
C GLY A 54 -1.00 -23.25 14.67
N ARG A 55 -1.00 -23.34 16.00
CA ARG A 55 -1.97 -24.18 16.72
C ARG A 55 -3.41 -23.67 16.55
N GLY A 56 -3.61 -22.34 16.54
CA GLY A 56 -4.91 -21.75 16.21
C GLY A 56 -5.40 -22.14 14.82
N ILE A 57 -4.50 -22.13 13.85
CA ILE A 57 -4.85 -22.51 12.48
C ILE A 57 -5.22 -24.00 12.41
N ALA A 58 -4.41 -24.85 13.04
CA ALA A 58 -4.66 -26.29 13.04
C ALA A 58 -6.00 -26.61 13.72
N THR A 59 -6.28 -25.91 14.82
CA THR A 59 -7.51 -26.12 15.58
C THR A 59 -8.76 -25.87 14.73
N VAL A 60 -8.76 -24.75 14.00
CA VAL A 60 -9.90 -24.39 13.16
C VAL A 60 -10.09 -25.40 12.03
N PHE A 61 -9.00 -25.78 11.37
CA PHE A 61 -9.12 -26.79 10.31
C PHE A 61 -9.61 -28.12 10.86
N ALA A 62 -9.16 -28.48 12.07
CA ALA A 62 -9.58 -29.74 12.70
C ALA A 62 -11.10 -29.72 13.01
N ARG A 63 -11.56 -28.62 13.62
CA ARG A 63 -13.00 -28.40 13.86
C ARG A 63 -13.82 -28.45 12.55
N ALA A 64 -13.22 -27.99 11.45
CA ALA A 64 -13.96 -27.93 10.17
C ALA A 64 -14.05 -29.32 9.49
N GLY A 65 -13.41 -30.32 10.09
CA GLY A 65 -13.47 -31.70 9.61
C GLY A 65 -12.38 -32.06 8.61
N ALA A 66 -11.41 -31.17 8.41
CA ALA A 66 -10.32 -31.47 7.47
C ALA A 66 -9.34 -32.51 8.05
N ASN A 67 -8.60 -33.19 7.15
CA ASN A 67 -7.35 -33.86 7.55
C ASN A 67 -6.32 -32.76 7.85
N VAL A 68 -5.59 -32.89 8.97
CA VAL A 68 -4.60 -31.86 9.34
C VAL A 68 -3.29 -32.51 9.79
N ALA A 69 -2.22 -32.18 9.07
CA ALA A 69 -0.87 -32.52 9.51
C ALA A 69 -0.27 -31.31 10.24
N VAL A 70 0.04 -31.54 11.51
CA VAL A 70 0.57 -30.51 12.38
C VAL A 70 2.09 -30.70 12.41
N ALA A 71 2.83 -29.78 11.80
CA ALA A 71 4.28 -29.97 11.66
C ALA A 71 5.06 -29.19 12.71
N ALA A 72 6.16 -29.76 13.19
CA ALA A 72 7.00 -29.12 14.21
C ALA A 72 8.45 -29.60 14.13
N ARG A 73 9.39 -28.79 14.65
CA ARG A 73 10.78 -29.24 14.82
CA ARG A 73 10.77 -29.21 14.83
C ARG A 73 10.83 -30.56 15.56
N SER A 74 10.05 -30.68 16.64
CA SER A 74 9.93 -31.97 17.35
C SER A 74 8.49 -32.19 17.83
N PRO A 75 7.68 -32.93 17.02
CA PRO A 75 6.22 -33.08 17.28
C PRO A 75 5.90 -33.76 18.61
N ARG A 76 6.83 -34.60 19.07
CA ARG A 76 6.59 -35.44 20.24
C ARG A 76 6.55 -34.61 21.52
N GLU A 77 7.23 -33.47 21.52
CA GLU A 77 7.16 -32.53 22.62
C GLU A 77 5.71 -32.13 22.92
N LEU A 78 4.88 -32.03 21.88
CA LEU A 78 3.47 -31.64 22.06
C LEU A 78 2.42 -32.60 21.49
N SER A 79 2.74 -33.92 21.51
CA SER A 79 1.82 -34.95 20.99
C SER A 79 0.43 -34.90 21.64
N SER A 80 0.33 -34.35 22.86
CA SER A 80 -0.99 -34.26 23.52
C SER A 80 -1.87 -33.20 22.85
N VAL A 81 -1.26 -32.16 22.31
CA VAL A 81 -1.98 -31.16 21.53
C VAL A 81 -2.53 -31.77 20.22
N THR A 82 -1.67 -32.48 19.50
CA THR A 82 -2.05 -33.14 18.29
C THR A 82 -3.16 -34.17 18.53
N ALA A 83 -3.04 -34.95 19.62
CA ALA A 83 -4.09 -35.93 19.95
C ALA A 83 -5.43 -35.26 20.20
N GLU A 84 -5.46 -34.19 20.99
CA GLU A 84 -6.68 -33.40 21.23
C GLU A 84 -7.31 -32.85 19.93
N LEU A 85 -6.48 -32.39 19.00
CA LEU A 85 -7.00 -31.89 17.71
C LEU A 85 -7.72 -33.00 16.96
N GLY A 86 -7.20 -34.22 17.11
CA GLY A 86 -7.77 -35.42 16.51
C GLY A 86 -9.20 -35.69 16.93
N GLU A 87 -9.64 -35.13 18.06
CA GLU A 87 -10.98 -35.35 18.54
C GLU A 87 -12.00 -34.30 18.12
N LEU A 88 -11.53 -33.23 17.44
CA LEU A 88 -12.40 -32.08 17.15
C LEU A 88 -13.32 -32.23 15.92
N GLY A 89 -13.00 -33.14 15.00
CA GLY A 89 -13.80 -33.30 13.78
C GLY A 89 -13.63 -34.65 13.15
N ALA A 90 -14.19 -34.85 11.96
CA ALA A 90 -14.17 -36.17 11.31
C ALA A 90 -12.87 -36.51 10.58
N GLY A 91 -11.98 -35.53 10.38
CA GLY A 91 -10.72 -35.75 9.66
C GLY A 91 -9.61 -36.43 10.47
N ASN A 92 -8.60 -36.92 9.75
CA ASN A 92 -7.42 -37.49 10.37
C ASN A 92 -6.43 -36.38 10.74
N VAL A 93 -6.00 -36.36 12.00
CA VAL A 93 -5.01 -35.35 12.43
C VAL A 93 -3.78 -36.06 12.93
N ILE A 94 -2.60 -35.65 12.44
CA ILE A 94 -1.33 -36.28 12.79
C ILE A 94 -0.23 -35.26 13.00
N GLY A 95 0.82 -35.66 13.72
CA GLY A 95 2.03 -34.84 13.80
C GLY A 95 3.02 -35.26 12.71
N VAL A 96 3.85 -34.31 12.30
CA VAL A 96 4.90 -34.54 11.29
CA VAL A 96 4.93 -34.58 11.34
C VAL A 96 6.13 -33.73 11.70
N ARG A 97 7.31 -34.34 11.66
CA ARG A 97 8.53 -33.59 11.97
C ARG A 97 9.05 -32.86 10.75
N LEU A 98 9.49 -31.63 10.99
CA LEU A 98 9.86 -30.73 9.94
C LEU A 98 10.75 -29.60 10.47
N ASP A 99 11.91 -29.46 9.85
CA ASP A 99 12.79 -28.32 9.99
C ASP A 99 12.59 -27.51 8.69
N VAL A 100 11.77 -26.46 8.73
CA VAL A 100 11.43 -25.72 7.49
C VAL A 100 12.64 -25.15 6.74
N SER A 101 13.72 -24.83 7.44
CA SER A 101 14.91 -24.25 6.82
C SER A 101 15.71 -25.27 5.99
N ASP A 102 15.38 -26.56 6.12
CA ASP A 102 16.09 -27.62 5.44
C ASP A 102 15.24 -28.09 4.26
N PRO A 103 15.73 -27.88 3.02
CA PRO A 103 14.91 -28.23 1.85
C PRO A 103 14.58 -29.74 1.77
N GLY A 104 15.48 -30.61 2.26
CA GLY A 104 15.27 -32.07 2.28
C GLY A 104 14.18 -32.45 3.26
N SER A 105 14.17 -31.77 4.40
CA SER A 105 13.16 -31.99 5.42
C SER A 105 11.76 -31.62 4.89
N CYS A 106 11.68 -30.49 4.17
CA CYS A 106 10.44 -30.04 3.54
C CYS A 106 9.93 -31.07 2.55
N ALA A 107 10.80 -31.57 1.68
CA ALA A 107 10.45 -32.64 0.73
C ALA A 107 9.97 -33.94 1.42
N ASP A 108 10.67 -34.35 2.48
CA ASP A 108 10.26 -35.52 3.28
C ASP A 108 8.88 -35.33 3.87
N ALA A 109 8.61 -34.15 4.44
CA ALA A 109 7.31 -33.91 5.08
C ALA A 109 6.16 -33.93 4.09
N ALA A 110 6.36 -33.34 2.90
CA ALA A 110 5.32 -33.31 1.86
C ALA A 110 4.98 -34.74 1.38
N ARG A 111 6.02 -35.53 1.13
CA ARG A 111 5.86 -36.96 0.79
C ARG A 111 5.09 -37.72 1.88
N THR A 112 5.50 -37.50 3.14
CA THR A 112 4.82 -38.12 4.29
C THR A 112 3.32 -37.76 4.36
N VAL A 113 3.01 -36.48 4.19
CA VAL A 113 1.62 -36.00 4.23
C VAL A 113 0.77 -36.55 3.08
N VAL A 114 1.31 -36.54 1.86
CA VAL A 114 0.57 -37.11 0.70
C VAL A 114 0.36 -38.64 0.88
N ASP A 115 1.39 -39.36 1.32
CA ASP A 115 1.22 -40.79 1.69
C ASP A 115 0.13 -40.95 2.75
N ALA A 116 0.12 -40.08 3.77
CA ALA A 116 -0.81 -40.22 4.90
C ALA A 116 -2.27 -40.00 4.49
N PHE A 117 -2.52 -38.91 3.77
CA PHE A 117 -3.87 -38.42 3.50
C PHE A 117 -4.39 -38.76 2.09
N GLY A 118 -3.49 -39.09 1.16
CA GLY A 118 -3.89 -39.30 -0.24
C GLY A 118 -3.95 -38.00 -1.05
N ALA A 119 -3.65 -36.88 -0.41
CA ALA A 119 -3.74 -35.55 -1.02
C ALA A 119 -3.05 -34.55 -0.10
N LEU A 120 -2.81 -33.35 -0.63
CA LEU A 120 -2.34 -32.21 0.13
C LEU A 120 -2.75 -30.97 -0.67
N ASP A 121 -3.89 -30.39 -0.32
CA ASP A 121 -4.43 -29.32 -1.14
C ASP A 121 -4.49 -27.95 -0.45
N VAL A 122 -4.12 -27.91 0.84
CA VAL A 122 -3.97 -26.64 1.57
C VAL A 122 -2.63 -26.62 2.34
N VAL A 123 -1.80 -25.61 2.07
CA VAL A 123 -0.58 -25.46 2.86
CA VAL A 123 -0.51 -25.43 2.75
C VAL A 123 -0.50 -24.11 3.57
N CYS A 124 -0.42 -24.22 4.90
CA CYS A 124 -0.26 -23.04 5.71
C CYS A 124 1.20 -22.95 6.11
N ALA A 125 1.92 -22.11 5.36
CA ALA A 125 3.33 -21.88 5.61
C ALA A 125 3.39 -20.84 6.73
N ASN A 126 3.38 -21.34 7.95
CA ASN A 126 3.20 -20.56 9.16
C ASN A 126 4.47 -20.42 10.01
N ALA A 127 5.38 -21.41 9.92
CA ALA A 127 6.55 -21.45 10.83
C ALA A 127 7.37 -20.18 10.71
N GLY A 128 7.83 -19.65 11.86
CA GLY A 128 8.66 -18.45 11.86
C GLY A 128 9.24 -18.18 13.25
N ILE A 129 10.40 -17.54 13.31
CA ILE A 129 11.00 -17.15 14.60
C ILE A 129 11.10 -15.64 14.67
N PHE A 130 11.30 -15.09 15.87
CA PHE A 130 11.36 -13.64 16.07
C PHE A 130 12.33 -13.22 17.18
N PRO A 131 13.60 -13.68 17.11
CA PRO A 131 14.59 -13.21 18.09
C PRO A 131 14.89 -11.72 17.88
N GLU A 132 15.39 -11.10 18.93
CA GLU A 132 15.60 -9.66 18.97
C GLU A 132 17.07 -9.32 18.71
N ALA A 133 17.32 -8.35 17.82
CA ALA A 133 18.68 -7.82 17.59
C ALA A 133 18.62 -6.43 16.96
N ARG A 134 19.13 -5.44 17.69
CA ARG A 134 19.35 -4.09 17.14
C ARG A 134 20.38 -4.15 16.02
N LEU A 135 20.29 -3.18 15.10
CA LEU A 135 21.18 -3.14 13.97
C LEU A 135 22.64 -2.98 14.35
N ASP A 136 22.90 -2.30 15.45
CA ASP A 136 24.28 -2.12 15.87
C ASP A 136 24.91 -3.38 16.51
N THR A 137 24.14 -4.42 16.81
CA THR A 137 24.75 -5.65 17.34
C THR A 137 24.43 -6.90 16.50
N MET A 138 23.46 -6.81 15.59
CA MET A 138 23.01 -7.97 14.82
C MET A 138 24.13 -8.63 14.04
N THR A 139 24.36 -9.92 14.30
CA THR A 139 25.49 -10.63 13.70
C THR A 139 25.07 -11.26 12.38
N PRO A 140 26.04 -11.57 11.51
CA PRO A 140 25.70 -12.34 10.28
C PRO A 140 24.91 -13.62 10.59
N GLU A 141 25.30 -14.33 11.66
CA GLU A 141 24.60 -15.54 12.05
C GLU A 141 23.15 -15.28 12.50
N GLN A 142 22.93 -14.20 13.25
CA GLN A 142 21.56 -13.83 13.66
C GLN A 142 20.69 -13.44 12.44
N LEU A 143 21.25 -12.66 11.53
CA LEU A 143 20.54 -12.28 10.31
C LEU A 143 20.19 -13.53 9.48
N SER A 144 21.19 -14.38 9.23
CA SER A 144 21.01 -15.60 8.42
C SER A 144 19.97 -16.55 8.99
N GLU A 145 20.00 -16.76 10.30
CA GLU A 145 19.06 -17.69 10.94
C GLU A 145 17.60 -17.25 10.69
N VAL A 146 17.33 -15.96 10.86
CA VAL A 146 15.98 -15.43 10.63
C VAL A 146 15.57 -15.54 9.16
N LEU A 147 16.48 -15.26 8.23
CA LEU A 147 16.15 -15.39 6.81
C LEU A 147 15.98 -16.87 6.39
N ASP A 148 16.83 -17.73 6.93
CA ASP A 148 16.74 -19.18 6.64
C ASP A 148 15.42 -19.79 7.08
N VAL A 149 15.02 -19.53 8.31
CA VAL A 149 13.76 -20.05 8.82
C VAL A 149 12.55 -19.37 8.16
N ASN A 150 12.54 -18.04 8.19
CA ASN A 150 11.34 -17.28 7.87
C ASN A 150 11.10 -17.12 6.38
N VAL A 151 12.18 -16.98 5.59
CA VAL A 151 12.03 -16.79 4.15
C VAL A 151 12.25 -18.09 3.38
N LYS A 152 13.44 -18.67 3.51
CA LYS A 152 13.72 -19.93 2.85
C LYS A 152 12.73 -21.03 3.28
N GLY A 153 12.43 -21.09 4.59
CA GLY A 153 11.44 -22.05 5.07
C GLY A 153 10.08 -21.93 4.39
N THR A 154 9.66 -20.70 4.11
CA THR A 154 8.41 -20.43 3.40
C THR A 154 8.53 -20.91 1.95
N VAL A 155 9.63 -20.54 1.27
CA VAL A 155 9.83 -20.93 -0.12
C VAL A 155 9.91 -22.48 -0.26
N TYR A 156 10.74 -23.10 0.57
CA TYR A 156 10.92 -24.57 0.52
C TYR A 156 9.64 -25.35 0.80
N THR A 157 8.85 -24.86 1.75
CA THR A 157 7.57 -25.46 2.09
C THR A 157 6.62 -25.45 0.88
N VAL A 158 6.46 -24.29 0.26
CA VAL A 158 5.61 -24.17 -0.93
C VAL A 158 6.14 -25.05 -2.07
N GLN A 159 7.44 -24.96 -2.35
CA GLN A 159 8.04 -25.78 -3.40
C GLN A 159 7.84 -27.29 -3.17
N ALA A 160 8.02 -27.75 -1.93
CA ALA A 160 7.88 -29.19 -1.66
C ALA A 160 6.46 -29.65 -1.98
N CYS A 161 5.48 -28.76 -1.83
CA CYS A 161 4.07 -29.13 -1.97
C CYS A 161 3.48 -28.85 -3.37
N LEU A 162 4.30 -28.43 -4.32
CA LEU A 162 3.81 -27.99 -5.65
C LEU A 162 3.00 -29.05 -6.40
N ALA A 163 3.50 -30.29 -6.40
CA ALA A 163 2.83 -31.37 -7.14
C ALA A 163 1.44 -31.68 -6.56
N PRO A 164 1.32 -31.93 -5.24
CA PRO A 164 -0.06 -32.17 -4.78
C PRO A 164 -0.97 -30.93 -4.81
N LEU A 165 -0.41 -29.73 -4.63
CA LEU A 165 -1.24 -28.52 -4.75
C LEU A 165 -1.84 -28.39 -6.16
N THR A 166 -1.01 -28.66 -7.15
CA THR A 166 -1.39 -28.64 -8.56
C THR A 166 -2.40 -29.75 -8.90
N ALA A 167 -2.17 -30.95 -8.36
CA ALA A 167 -3.03 -32.12 -8.65
C ALA A 167 -4.46 -31.94 -8.17
N SER A 168 -4.63 -31.16 -7.11
CA SER A 168 -5.96 -31.01 -6.51
C SER A 168 -6.92 -30.20 -7.39
N GLY A 169 -6.41 -29.27 -8.18
CA GLY A 169 -7.25 -28.37 -8.97
C GLY A 169 -7.86 -27.22 -8.17
N ARG A 170 -7.73 -27.25 -6.85
CA ARG A 170 -8.25 -26.17 -5.99
C ARG A 170 -7.23 -25.90 -4.87
N GLY A 171 -5.95 -25.94 -5.22
CA GLY A 171 -4.88 -25.72 -4.23
C GLY A 171 -4.94 -24.37 -3.52
N ARG A 172 -4.46 -24.36 -2.27
CA ARG A 172 -4.47 -23.16 -1.44
C ARG A 172 -3.16 -23.02 -0.70
N VAL A 173 -2.52 -21.87 -0.85
CA VAL A 173 -1.33 -21.55 -0.06
C VAL A 173 -1.65 -20.33 0.80
N ILE A 174 -1.44 -20.46 2.11
CA ILE A 174 -1.66 -19.38 3.06
C ILE A 174 -0.38 -19.14 3.86
N LEU A 175 0.17 -17.92 3.74
CA LEU A 175 1.42 -17.55 4.42
C LEU A 175 1.14 -16.76 5.70
N THR A 176 1.80 -17.12 6.81
CA THR A 176 1.71 -16.28 8.00
C THR A 176 2.85 -15.26 7.97
N SER A 177 2.50 -14.01 7.64
CA SER A 177 3.44 -12.90 7.64
C SER A 177 3.23 -12.15 8.98
N SER A 178 3.24 -10.82 8.94
CA SER A 178 3.11 -10.00 10.15
C SER A 178 2.85 -8.56 9.71
N ILE A 179 2.29 -7.73 10.59
CA ILE A 179 2.30 -6.28 10.32
C ILE A 179 3.75 -5.71 10.34
N THR A 180 4.61 -6.33 11.14
CA THR A 180 6.02 -5.86 11.29
C THR A 180 6.77 -6.19 10.02
N GLY A 181 7.14 -5.15 9.27
CA GLY A 181 7.84 -5.32 8.01
C GLY A 181 7.03 -4.80 6.83
N PRO A 182 5.88 -5.45 6.50
CA PRO A 182 5.04 -4.90 5.45
C PRO A 182 4.39 -3.56 5.82
N VAL A 183 4.14 -3.34 7.12
CA VAL A 183 3.43 -2.12 7.53
C VAL A 183 4.22 -1.33 8.57
N THR A 184 4.62 -1.99 9.65
CA THR A 184 5.23 -1.28 10.76
C THR A 184 6.71 -1.60 10.90
N GLY A 185 7.38 -0.84 11.77
CA GLY A 185 8.72 -1.14 12.22
C GLY A 185 8.75 -1.27 13.75
N TYR A 186 9.77 -1.95 14.26
CA TYR A 186 9.92 -2.14 15.70
C TYR A 186 11.42 -2.37 16.00
N PRO A 187 12.10 -1.36 16.58
CA PRO A 187 13.54 -1.46 16.87
C PRO A 187 13.88 -2.81 17.53
N GLY A 188 14.89 -3.50 16.99
CA GLY A 188 15.24 -4.87 17.40
C GLY A 188 14.73 -5.96 16.48
N TRP A 189 13.86 -5.62 15.53
CA TRP A 189 13.27 -6.62 14.64
C TRP A 189 13.37 -6.26 13.15
N SER A 190 14.46 -5.59 12.75
CA SER A 190 14.63 -5.22 11.34
C SER A 190 14.81 -6.46 10.45
N HIS A 191 15.42 -7.51 11.00
CA HIS A 191 15.61 -8.77 10.27
C HIS A 191 14.28 -9.53 10.19
N TYR A 192 13.54 -9.53 11.28
CA TYR A 192 12.19 -10.13 11.25
C TYR A 192 11.28 -9.41 10.25
N GLY A 193 11.25 -8.08 10.31
CA GLY A 193 10.48 -7.28 9.35
C GLY A 193 10.88 -7.54 7.90
N ALA A 194 12.18 -7.58 7.63
CA ALA A 194 12.65 -7.97 6.29
C ALA A 194 12.07 -9.32 5.83
N SER A 195 12.08 -10.32 6.73
CA SER A 195 11.64 -11.66 6.39
C SER A 195 10.14 -11.71 6.14
N LYS A 196 9.37 -10.92 6.89
CA LYS A 196 7.92 -10.92 6.76
C LYS A 196 7.49 -10.19 5.49
N ALA A 197 8.19 -9.11 5.16
CA ALA A 197 7.94 -8.43 3.88
C ALA A 197 8.41 -9.32 2.71
N ALA A 198 9.52 -10.06 2.89
CA ALA A 198 10.01 -11.00 1.86
C ALA A 198 8.97 -12.03 1.44
N GLN A 199 8.22 -12.56 2.41
CA GLN A 199 7.10 -13.47 2.11
C GLN A 199 6.08 -12.88 1.11
N LEU A 200 5.80 -11.59 1.23
CA LEU A 200 4.86 -10.90 0.32
C LEU A 200 5.42 -10.71 -1.08
N GLY A 201 6.71 -10.34 -1.19
CA GLY A 201 7.36 -10.21 -2.50
C GLY A 201 7.38 -11.55 -3.24
N PHE A 202 7.66 -12.62 -2.48
CA PHE A 202 7.58 -13.98 -3.00
C PHE A 202 6.16 -14.28 -3.50
N MET A 203 5.17 -13.99 -2.65
CA MET A 203 3.75 -14.23 -2.98
C MET A 203 3.30 -13.59 -4.30
N ARG A 204 3.68 -12.34 -4.53
CA ARG A 204 3.19 -11.60 -5.70
C ARG A 204 3.58 -12.22 -7.05
N THR A 205 4.74 -12.89 -7.08
CA THR A 205 5.12 -13.71 -8.24
C THR A 205 4.58 -15.14 -8.16
N ALA A 206 4.70 -15.78 -7.00
CA ALA A 206 4.21 -17.17 -6.85
C ALA A 206 2.72 -17.31 -7.21
N ALA A 207 1.91 -16.30 -6.83
CA ALA A 207 0.48 -16.30 -7.15
C ALA A 207 0.28 -16.37 -8.66
N ILE A 208 1.18 -15.73 -9.41
CA ILE A 208 1.05 -15.72 -10.87
C ILE A 208 1.49 -17.07 -11.43
N GLU A 209 2.60 -17.58 -10.90
CA GLU A 209 3.12 -18.88 -11.35
C GLU A 209 2.10 -20.00 -11.13
N LEU A 210 1.34 -19.92 -10.04
CA LEU A 210 0.48 -21.03 -9.63
C LEU A 210 -1.02 -20.90 -10.02
N ALA A 211 -1.45 -19.68 -10.38
CA ALA A 211 -2.84 -19.41 -10.77
C ALA A 211 -3.37 -20.32 -11.87
N PRO A 212 -2.61 -20.52 -12.98
CA PRO A 212 -3.18 -21.39 -14.01
C PRO A 212 -3.32 -22.85 -13.59
N ARG A 213 -2.70 -23.23 -12.48
CA ARG A 213 -2.90 -24.58 -11.93
C ARG A 213 -4.04 -24.65 -10.92
N GLY A 214 -4.73 -23.52 -10.72
CA GLY A 214 -5.87 -23.46 -9.80
C GLY A 214 -5.52 -23.12 -8.35
N VAL A 215 -4.25 -22.80 -8.11
CA VAL A 215 -3.76 -22.54 -6.76
C VAL A 215 -3.82 -21.04 -6.41
N THR A 216 -4.40 -20.69 -5.26
CA THR A 216 -4.33 -19.31 -4.78
C THR A 216 -3.20 -19.19 -3.76
N VAL A 217 -2.58 -18.01 -3.71
CA VAL A 217 -1.50 -17.74 -2.76
C VAL A 217 -1.79 -16.43 -2.06
N ASN A 218 -2.05 -16.52 -0.75
CA ASN A 218 -2.43 -15.34 0.06
C ASN A 218 -1.66 -15.30 1.38
N ALA A 219 -1.60 -14.13 2.00
CA ALA A 219 -0.95 -13.98 3.28
C ALA A 219 -1.84 -13.32 4.32
N ILE A 220 -1.68 -13.74 5.58
CA ILE A 220 -2.31 -13.11 6.71
C ILE A 220 -1.22 -12.38 7.51
N LEU A 221 -1.53 -11.17 7.95
CA LEU A 221 -0.60 -10.32 8.69
C LEU A 221 -1.17 -10.08 10.09
N PRO A 222 -0.84 -10.97 11.04
CA PRO A 222 -1.39 -10.79 12.41
C PRO A 222 -0.84 -9.53 13.05
N GLY A 223 -1.65 -8.87 13.87
CA GLY A 223 -1.13 -7.82 14.76
C GLY A 223 -0.69 -8.44 16.09
N ASN A 224 -1.20 -7.91 17.19
CA ASN A 224 -0.85 -8.36 18.53
C ASN A 224 -1.79 -9.51 18.95
N ILE A 225 -1.29 -10.73 18.89
CA ILE A 225 -2.09 -11.92 19.19
C ILE A 225 -1.65 -12.51 20.55
N LEU A 226 -2.61 -12.74 21.44
CA LEU A 226 -2.33 -13.37 22.73
C LEU A 226 -1.91 -14.86 22.61
N THR A 227 -0.65 -15.15 22.89
CA THR A 227 -0.18 -16.55 22.95
C THR A 227 0.15 -16.97 24.40
N GLU A 228 0.63 -18.21 24.59
CA GLU A 228 0.95 -18.73 25.95
C GLU A 228 1.96 -17.83 26.68
N GLY A 229 3.07 -17.54 26.01
CA GLY A 229 4.11 -16.66 26.56
C GLY A 229 3.52 -15.38 27.14
N LEU A 230 2.79 -14.67 26.29
CA LEU A 230 2.19 -13.39 26.63
C LEU A 230 1.22 -13.47 27.82
N VAL A 231 0.54 -14.60 27.98
CA VAL A 231 -0.39 -14.80 29.10
C VAL A 231 0.30 -14.68 30.47
N ASP A 232 1.47 -15.31 30.59
CA ASP A 232 2.21 -15.34 31.86
C ASP A 232 2.56 -13.94 32.42
N MET A 233 2.75 -12.97 31.52
CA MET A 233 3.24 -11.63 31.89
C MET A 233 2.24 -10.73 32.63
N GLY A 234 1.04 -11.26 32.92
CA GLY A 234 0.09 -10.61 33.82
C GLY A 234 -0.88 -9.61 33.20
N GLU A 235 -2.10 -9.58 33.76
CA GLU A 235 -3.21 -8.76 33.25
C GLU A 235 -2.90 -7.27 33.03
N GLU A 236 -2.01 -6.70 33.86
CA GLU A 236 -1.67 -5.27 33.75
C GLU A 236 -0.79 -4.95 32.53
N TYR A 237 0.09 -5.89 32.18
CA TYR A 237 0.93 -5.75 30.99
C TYR A 237 0.11 -5.97 29.70
N ILE A 238 -0.82 -6.91 29.76
CA ILE A 238 -1.73 -7.20 28.64
C ILE A 238 -2.66 -6.02 28.38
N SER A 239 -3.31 -5.53 29.45
CA SER A 239 -4.21 -4.38 29.36
C SER A 239 -3.50 -3.13 28.81
N GLY A 240 -2.21 -2.99 29.14
CA GLY A 240 -1.38 -1.92 28.62
C GLY A 240 -1.21 -1.94 27.11
N MET A 241 -0.99 -3.14 26.55
CA MET A 241 -0.88 -3.29 25.10
C MET A 241 -2.22 -3.06 24.42
N ALA A 242 -3.29 -3.57 25.05
CA ALA A 242 -4.65 -3.42 24.54
C ALA A 242 -5.11 -1.96 24.37
N ARG A 243 -4.55 -1.04 25.16
CA ARG A 243 -4.96 0.36 25.11
C ARG A 243 -4.63 1.07 23.79
N SER A 244 -3.69 0.53 23.04
CA SER A 244 -3.36 1.05 21.71
C SER A 244 -4.19 0.44 20.58
N ILE A 245 -5.09 -0.48 20.92
CA ILE A 245 -5.86 -1.20 19.93
C ILE A 245 -7.32 -0.75 19.97
N PRO A 246 -7.83 -0.18 18.85
CA PRO A 246 -9.22 0.32 18.85
C PRO A 246 -10.25 -0.70 19.35
N MET A 247 -10.11 -1.97 18.95
CA MET A 247 -11.03 -3.02 19.38
C MET A 247 -10.97 -3.25 20.92
N GLY A 248 -9.86 -2.90 21.55
CA GLY A 248 -9.81 -2.91 23.01
C GLY A 248 -9.29 -4.18 23.65
N MET A 249 -8.85 -5.14 22.83
CA MET A 249 -8.25 -6.37 23.32
C MET A 249 -7.22 -6.90 22.31
N LEU A 250 -6.38 -7.82 22.75
CA LEU A 250 -5.44 -8.53 21.89
C LEU A 250 -6.21 -9.63 21.15
N GLY A 251 -5.76 -9.98 19.96
CA GLY A 251 -6.41 -11.06 19.18
C GLY A 251 -6.13 -12.44 19.74
N SER A 252 -6.75 -13.45 19.15
CA SER A 252 -6.43 -14.81 19.53
C SER A 252 -5.95 -15.63 18.33
N PRO A 253 -5.24 -16.75 18.60
CA PRO A 253 -4.81 -17.60 17.48
C PRO A 253 -5.95 -18.04 16.54
N VAL A 254 -7.17 -18.28 17.07
CA VAL A 254 -8.27 -18.69 16.17
C VAL A 254 -8.76 -17.56 15.24
N ASP A 255 -8.47 -16.29 15.59
CA ASP A 255 -8.76 -15.18 14.67
C ASP A 255 -7.99 -15.40 13.37
N ILE A 256 -6.73 -15.81 13.51
CA ILE A 256 -5.90 -16.12 12.36
C ILE A 256 -6.41 -17.40 11.69
N GLY A 257 -6.67 -18.44 12.49
CA GLY A 257 -7.18 -19.70 11.93
C GLY A 257 -8.47 -19.58 11.12
N HIS A 258 -9.42 -18.77 11.59
CA HIS A 258 -10.69 -18.59 10.87
C HIS A 258 -10.53 -17.89 9.51
N LEU A 259 -9.61 -16.92 9.42
CA LEU A 259 -9.30 -16.33 8.13
C LEU A 259 -8.63 -17.36 7.22
N ALA A 260 -7.67 -18.12 7.75
CA ALA A 260 -6.99 -19.17 6.95
C ALA A 260 -8.04 -20.16 6.41
N ALA A 261 -8.96 -20.57 7.28
CA ALA A 261 -10.04 -21.50 6.89
C ALA A 261 -10.87 -20.91 5.74
N PHE A 262 -11.33 -19.67 5.89
CA PHE A 262 -12.04 -19.02 4.78
C PHE A 262 -11.25 -19.02 3.47
N LEU A 263 -9.98 -18.59 3.52
CA LEU A 263 -9.14 -18.51 2.31
C LEU A 263 -8.99 -19.89 1.63
N ALA A 264 -9.03 -20.95 2.43
CA ALA A 264 -8.94 -22.34 1.93
C ALA A 264 -10.20 -22.87 1.24
N THR A 265 -11.35 -22.21 1.39
CA THR A 265 -12.61 -22.74 0.84
C THR A 265 -12.66 -22.62 -0.68
N ASP A 266 -13.55 -23.41 -1.32
CA ASP A 266 -13.82 -23.23 -2.74
C ASP A 266 -14.32 -21.82 -3.02
N GLU A 267 -15.08 -21.27 -2.06
CA GLU A 267 -15.71 -19.95 -2.15
C GLU A 267 -14.70 -18.80 -2.25
N ALA A 268 -13.45 -19.07 -1.90
CA ALA A 268 -12.40 -18.05 -1.98
C ALA A 268 -11.46 -18.23 -3.18
N GLY A 269 -11.91 -18.98 -4.19
CA GLY A 269 -11.08 -19.29 -5.38
C GLY A 269 -10.69 -18.13 -6.28
N TYR A 270 -11.27 -16.94 -6.06
CA TYR A 270 -10.89 -15.79 -6.89
C TYR A 270 -10.02 -14.79 -6.15
N ILE A 271 -9.68 -15.12 -4.92
CA ILE A 271 -8.85 -14.25 -4.12
C ILE A 271 -7.42 -14.74 -4.16
N THR A 272 -6.49 -13.92 -4.67
CA THR A 272 -5.07 -14.33 -4.68
C THR A 272 -4.15 -13.12 -4.59
N GLY A 273 -2.97 -13.35 -4.00
CA GLY A 273 -2.00 -12.28 -3.86
C GLY A 273 -2.33 -11.26 -2.78
N GLN A 274 -3.22 -11.56 -1.86
CA GLN A 274 -3.63 -10.59 -0.83
C GLN A 274 -2.78 -10.69 0.41
N ALA A 275 -2.69 -9.56 1.13
CA ALA A 275 -2.00 -9.47 2.40
C ALA A 275 -2.99 -8.86 3.41
N ILE A 276 -3.64 -9.71 4.20
CA ILE A 276 -4.77 -9.27 5.01
C ILE A 276 -4.36 -9.17 6.48
N VAL A 277 -4.49 -7.96 7.00
CA VAL A 277 -4.11 -7.62 8.38
C VAL A 277 -5.23 -7.99 9.35
N VAL A 278 -4.87 -8.72 10.40
CA VAL A 278 -5.81 -9.10 11.45
C VAL A 278 -5.29 -8.52 12.78
N ASP A 279 -5.75 -7.31 13.13
CA ASP A 279 -5.11 -6.56 14.22
C ASP A 279 -6.03 -5.73 15.10
N GLY A 280 -7.35 -5.95 15.01
CA GLY A 280 -8.31 -5.11 15.76
C GLY A 280 -8.19 -3.61 15.47
N GLY A 281 -7.66 -3.25 14.30
CA GLY A 281 -7.45 -1.83 13.93
C GLY A 281 -6.18 -1.15 14.47
N GLN A 282 -5.28 -1.93 15.06
CA GLN A 282 -4.04 -1.38 15.64
C GLN A 282 -3.23 -0.44 14.73
N VAL A 283 -3.11 -0.77 13.44
CA VAL A 283 -2.30 0.03 12.53
C VAL A 283 -3.00 1.29 12.01
N LEU A 284 -4.25 1.54 12.39
CA LEU A 284 -5.02 2.66 11.86
C LEU A 284 -4.76 4.03 12.57
N PRO A 285 -4.77 4.06 13.92
CA PRO A 285 -4.69 5.39 14.54
C PRO A 285 -3.43 6.16 14.18
N GLU A 286 -3.60 7.46 13.98
CA GLU A 286 -2.50 8.34 13.59
C GLU A 286 -1.53 8.56 14.76
N SER A 287 -2.05 8.52 15.99
CA SER A 287 -1.23 8.76 17.20
C SER A 287 -2.03 8.25 18.40
N PRO A 288 -1.44 8.31 19.63
CA PRO A 288 -2.17 7.83 20.81
C PRO A 288 -3.51 8.51 21.07
N ASP A 289 -3.64 9.80 20.75
CA ASP A 289 -4.90 10.49 21.00
CA ASP A 289 -4.89 10.56 20.92
C ASP A 289 -5.96 10.12 19.94
N ALA A 290 -5.53 9.48 18.85
CA ALA A 290 -6.45 9.04 17.79
C ALA A 290 -7.00 7.63 18.03
N VAL A 291 -6.51 6.94 19.06
CA VAL A 291 -6.91 5.55 19.33
C VAL A 291 -8.37 5.41 19.76
N ASN A 292 -8.83 6.30 20.61
CA ASN A 292 -10.21 6.24 21.11
C ASN A 292 -10.96 7.49 20.68
N PRO A 293 -12.23 7.33 20.24
CA PRO A 293 -13.01 8.53 19.95
C PRO A 293 -13.49 9.15 21.26
N LYS B 34 21.88 30.55 0.28
CA LYS B 34 22.41 29.17 0.00
C LYS B 34 22.11 28.75 -1.43
N VAL B 35 22.81 27.73 -1.89
CA VAL B 35 22.42 26.98 -3.07
C VAL B 35 21.40 25.92 -2.62
N MET B 36 20.26 25.86 -3.30
CA MET B 36 19.22 24.90 -2.98
C MET B 36 19.67 23.50 -3.42
N PHE B 37 19.44 22.49 -2.58
CA PHE B 37 19.80 21.11 -2.88
C PHE B 37 21.32 20.90 -3.05
N ASP B 38 22.11 21.64 -2.28
CA ASP B 38 23.57 21.56 -2.30
C ASP B 38 24.01 20.19 -1.78
N LEU B 39 24.82 19.50 -2.57
CA LEU B 39 25.41 18.21 -2.21
C LEU B 39 26.95 18.27 -2.22
N SER B 40 27.50 19.47 -2.36
CA SER B 40 28.94 19.62 -2.59
C SER B 40 29.77 19.26 -1.37
N ALA B 41 29.15 19.21 -0.19
CA ALA B 41 29.86 18.77 1.04
C ALA B 41 29.62 17.30 1.43
N ARG B 42 28.98 16.51 0.56
CA ARG B 42 28.66 15.13 0.88
C ARG B 42 29.78 14.16 0.52
N SER B 43 29.80 13.01 1.20
CA SER B 43 30.71 11.91 0.90
C SER B 43 29.88 10.64 0.76
N VAL B 44 29.88 10.09 -0.45
CA VAL B 44 28.88 9.11 -0.85
C VAL B 44 29.54 7.77 -1.18
N LEU B 45 28.93 6.68 -0.71
CA LEU B 45 29.23 5.32 -1.16
C LEU B 45 28.09 4.79 -2.03
N VAL B 46 28.41 4.35 -3.26
CA VAL B 46 27.44 3.69 -4.15
C VAL B 46 27.89 2.26 -4.42
N THR B 47 27.17 1.27 -3.89
CA THR B 47 27.52 -0.14 -4.13
C THR B 47 26.98 -0.53 -5.53
N GLY B 48 27.67 -1.45 -6.20
CA GLY B 48 27.36 -1.79 -7.61
C GLY B 48 27.38 -0.53 -8.47
N GLY B 49 28.35 0.34 -8.22
CA GLY B 49 28.37 1.66 -8.82
C GLY B 49 28.96 1.80 -10.22
N THR B 50 29.55 0.73 -10.76
CA THR B 50 30.27 0.87 -12.04
C THR B 50 29.37 0.65 -13.27
N LYS B 51 28.16 0.14 -13.03
CA LYS B 51 27.28 -0.30 -14.09
C LYS B 51 25.82 0.08 -13.84
N GLY B 52 25.05 0.20 -14.91
CA GLY B 52 23.59 0.28 -14.83
C GLY B 52 23.10 1.42 -13.96
N ILE B 53 22.13 1.10 -13.13
CA ILE B 53 21.52 2.07 -12.22
C ILE B 53 22.53 2.69 -11.25
N GLY B 54 23.39 1.86 -10.65
CA GLY B 54 24.45 2.35 -9.75
C GLY B 54 25.34 3.39 -10.43
N ARG B 55 25.70 3.16 -11.68
CA ARG B 55 26.47 4.15 -12.44
C ARG B 55 25.70 5.47 -12.66
N GLY B 56 24.40 5.38 -12.91
CA GLY B 56 23.55 6.58 -12.98
C GLY B 56 23.53 7.35 -11.66
N ILE B 57 23.45 6.62 -10.55
CA ILE B 57 23.46 7.24 -9.22
C ILE B 57 24.82 7.94 -8.99
N ALA B 58 25.92 7.23 -9.26
CA ALA B 58 27.26 7.79 -9.10
C ALA B 58 27.49 9.03 -9.97
N THR B 59 26.98 8.98 -11.20
CA THR B 59 27.10 10.09 -12.15
C THR B 59 26.47 11.37 -11.61
N VAL B 60 25.24 11.27 -11.14
CA VAL B 60 24.55 12.43 -10.60
C VAL B 60 25.29 13.02 -9.38
N PHE B 61 25.71 12.17 -8.43
CA PHE B 61 26.45 12.69 -7.25
C PHE B 61 27.78 13.35 -7.65
N ALA B 62 28.45 12.78 -8.65
CA ALA B 62 29.70 13.36 -9.16
C ALA B 62 29.47 14.73 -9.79
N ARG B 63 28.43 14.86 -10.62
CA ARG B 63 28.05 16.16 -11.19
C ARG B 63 27.67 17.16 -10.11
N ALA B 64 27.11 16.71 -8.98
CA ALA B 64 26.68 17.62 -7.91
C ALA B 64 27.84 18.12 -7.03
N GLY B 65 29.04 17.60 -7.28
CA GLY B 65 30.24 18.02 -6.57
C GLY B 65 30.58 17.18 -5.35
N ALA B 66 29.87 16.08 -5.14
CA ALA B 66 30.13 15.25 -3.94
C ALA B 66 31.40 14.40 -4.08
N ASN B 67 31.99 13.99 -2.94
CA ASN B 67 32.94 12.87 -2.96
C ASN B 67 32.15 11.59 -3.25
N VAL B 68 32.63 10.76 -4.17
CA VAL B 68 31.90 9.53 -4.52
C VAL B 68 32.83 8.33 -4.58
N ALA B 69 32.54 7.32 -3.76
CA ALA B 69 33.19 6.03 -3.84
C ALA B 69 32.29 5.05 -4.61
N VAL B 70 32.80 4.60 -5.76
CA VAL B 70 32.08 3.73 -6.67
C VAL B 70 32.56 2.31 -6.38
N ALA B 71 31.72 1.52 -5.71
CA ALA B 71 32.13 0.18 -5.30
C ALA B 71 31.70 -0.88 -6.32
N ALA B 72 32.55 -1.89 -6.49
CA ALA B 72 32.26 -3.02 -7.39
C ALA B 72 32.99 -4.27 -6.90
N ARG B 73 32.49 -5.43 -7.33
CA ARG B 73 33.19 -6.71 -7.10
C ARG B 73 34.64 -6.63 -7.60
N SER B 74 34.85 -6.08 -8.79
CA SER B 74 36.20 -5.79 -9.28
C SER B 74 36.25 -4.43 -9.98
N PRO B 75 36.66 -3.36 -9.25
CA PRO B 75 36.58 -1.97 -9.76
C PRO B 75 37.47 -1.71 -10.99
N ARG B 76 38.56 -2.45 -11.09
CA ARG B 76 39.54 -2.24 -12.15
C ARG B 76 39.01 -2.62 -13.54
N GLU B 77 37.99 -3.50 -13.57
CA GLU B 77 37.35 -3.82 -14.82
C GLU B 77 36.77 -2.57 -15.48
N LEU B 78 36.31 -1.61 -14.64
CA LEU B 78 35.72 -0.37 -15.16
C LEU B 78 36.36 0.95 -14.69
N SER B 79 37.68 0.93 -14.50
CA SER B 79 38.39 2.08 -13.94
C SER B 79 38.30 3.33 -14.83
N SER B 80 38.09 3.15 -16.13
CA SER B 80 37.94 4.33 -17.00
C SER B 80 36.60 5.04 -16.75
N VAL B 81 35.59 4.27 -16.31
CA VAL B 81 34.32 4.85 -15.92
C VAL B 81 34.49 5.69 -14.66
N THR B 82 35.14 5.12 -13.66
CA THR B 82 35.46 5.86 -12.45
C THR B 82 36.32 7.10 -12.70
N ALA B 83 37.30 7.02 -13.58
CA ALA B 83 38.12 8.20 -13.90
C ALA B 83 37.30 9.28 -14.58
N GLU B 84 36.43 8.88 -15.51
CA GLU B 84 35.50 9.81 -16.13
C GLU B 84 34.60 10.54 -15.11
N LEU B 85 34.07 9.81 -14.13
CA LEU B 85 33.27 10.44 -13.08
C LEU B 85 34.06 11.51 -12.34
N GLY B 86 35.39 11.29 -12.24
CA GLY B 86 36.30 12.20 -11.56
C GLY B 86 36.41 13.57 -12.22
N GLU B 87 35.99 13.65 -13.47
CA GLU B 87 36.03 14.91 -14.20
C GLU B 87 34.75 15.74 -14.10
N LEU B 88 33.67 15.17 -13.57
CA LEU B 88 32.37 15.83 -13.66
C LEU B 88 32.10 16.96 -12.63
N GLY B 89 32.85 17.00 -11.54
CA GLY B 89 32.61 17.99 -10.47
C GLY B 89 33.82 18.18 -9.56
N ALA B 90 33.68 18.98 -8.50
CA ALA B 90 34.83 19.33 -7.66
C ALA B 90 35.21 18.27 -6.62
N GLY B 91 34.38 17.23 -6.46
CA GLY B 91 34.65 16.21 -5.44
C GLY B 91 35.66 15.14 -5.86
N ASN B 92 36.13 14.37 -4.88
CA ASN B 92 37.02 13.25 -5.11
C ASN B 92 36.19 12.01 -5.46
N VAL B 93 36.52 11.37 -6.58
CA VAL B 93 35.83 10.13 -7.01
C VAL B 93 36.83 8.98 -7.10
N ILE B 94 36.54 7.87 -6.42
CA ILE B 94 37.44 6.72 -6.41
C ILE B 94 36.65 5.42 -6.56
N GLY B 95 37.34 4.37 -6.98
CA GLY B 95 36.81 3.00 -6.95
C GLY B 95 37.17 2.32 -5.63
N VAL B 96 36.31 1.39 -5.20
CA VAL B 96 36.57 0.58 -4.01
C VAL B 96 36.08 -0.81 -4.32
N ARG B 97 36.87 -1.82 -3.94
CA ARG B 97 36.40 -3.20 -4.16
C ARG B 97 35.49 -3.63 -3.04
N LEU B 98 34.45 -4.39 -3.39
CA LEU B 98 33.41 -4.77 -2.44
C LEU B 98 32.61 -5.96 -2.93
N ASP B 99 32.56 -6.99 -2.08
CA ASP B 99 31.61 -8.08 -2.25
C ASP B 99 30.53 -7.86 -1.19
N VAL B 100 29.41 -7.25 -1.56
CA VAL B 100 28.36 -6.90 -0.56
C VAL B 100 27.84 -8.05 0.31
N SER B 101 27.89 -9.28 -0.21
CA SER B 101 27.39 -10.43 0.53
C SER B 101 28.32 -10.84 1.67
N ASP B 102 29.54 -10.30 1.65
CA ASP B 102 30.59 -10.63 2.62
C ASP B 102 30.64 -9.52 3.67
N PRO B 103 30.26 -9.83 4.91
CA PRO B 103 30.19 -8.79 5.95
C PRO B 103 31.55 -8.14 6.23
N GLY B 104 32.63 -8.91 6.14
CA GLY B 104 34.00 -8.39 6.30
C GLY B 104 34.39 -7.44 5.17
N SER B 105 33.98 -7.77 3.95
CA SER B 105 34.25 -6.91 2.81
C SER B 105 33.50 -5.57 2.97
N CYS B 106 32.24 -5.62 3.41
CA CYS B 106 31.50 -4.40 3.73
C CYS B 106 32.22 -3.53 4.76
N ALA B 107 32.69 -4.14 5.86
CA ALA B 107 33.43 -3.42 6.89
C ALA B 107 34.74 -2.79 6.37
N ASP B 108 35.49 -3.53 5.54
CA ASP B 108 36.74 -3.01 4.94
C ASP B 108 36.42 -1.79 4.05
N ALA B 109 35.36 -1.89 3.26
CA ALA B 109 35.01 -0.82 2.33
C ALA B 109 34.59 0.45 3.07
N ALA B 110 33.77 0.31 4.13
CA ALA B 110 33.36 1.47 4.93
C ALA B 110 34.61 2.18 5.52
N ARG B 111 35.51 1.39 6.09
CA ARG B 111 36.79 1.88 6.64
C ARG B 111 37.60 2.62 5.56
N THR B 112 37.75 2.00 4.40
CA THR B 112 38.45 2.61 3.28
C THR B 112 37.87 3.97 2.87
N VAL B 113 36.54 4.04 2.82
CA VAL B 113 35.86 5.24 2.39
C VAL B 113 36.00 6.38 3.40
N VAL B 114 35.85 6.08 4.68
CA VAL B 114 36.04 7.10 5.73
C VAL B 114 37.51 7.56 5.78
N ASP B 115 38.47 6.64 5.66
CA ASP B 115 39.89 7.07 5.58
C ASP B 115 40.08 7.99 4.36
N ALA B 116 39.43 7.65 3.26
CA ALA B 116 39.64 8.35 1.99
C ALA B 116 39.11 9.79 2.00
N PHE B 117 37.87 9.95 2.47
CA PHE B 117 37.13 11.19 2.37
C PHE B 117 37.06 11.95 3.69
N GLY B 118 37.32 11.26 4.81
CA GLY B 118 37.17 11.88 6.13
C GLY B 118 35.74 11.80 6.68
N ALA B 119 34.82 11.19 5.93
CA ALA B 119 33.41 11.13 6.29
C ALA B 119 32.77 10.12 5.37
N LEU B 120 31.53 9.74 5.70
CA LEU B 120 30.69 8.92 4.84
C LEU B 120 29.27 9.21 5.30
N ASP B 121 28.59 10.14 4.64
CA ASP B 121 27.29 10.55 5.14
C ASP B 121 26.11 10.19 4.24
N VAL B 122 26.41 9.63 3.08
CA VAL B 122 25.39 9.09 2.18
C VAL B 122 25.80 7.70 1.71
N VAL B 123 24.90 6.74 1.92
CA VAL B 123 25.08 5.36 1.50
C VAL B 123 23.95 4.94 0.54
N CYS B 124 24.32 4.59 -0.68
CA CYS B 124 23.38 4.08 -1.67
C CYS B 124 23.60 2.57 -1.79
N ALA B 125 22.77 1.81 -1.07
CA ALA B 125 22.87 0.36 -1.08
C ALA B 125 22.11 -0.07 -2.32
N ASN B 126 22.87 -0.20 -3.40
CA ASN B 126 22.33 -0.35 -4.74
C ASN B 126 22.59 -1.71 -5.37
N ALA B 127 23.70 -2.35 -5.01
CA ALA B 127 24.07 -3.68 -5.54
C ALA B 127 22.94 -4.71 -5.44
N GLY B 128 22.75 -5.47 -6.50
CA GLY B 128 21.79 -6.55 -6.52
C GLY B 128 21.91 -7.32 -7.83
N ILE B 129 21.40 -8.55 -7.81
CA ILE B 129 21.41 -9.42 -9.00
C ILE B 129 19.96 -9.86 -9.27
N PHE B 130 19.70 -10.33 -10.50
CA PHE B 130 18.35 -10.75 -10.91
C PHE B 130 18.37 -11.97 -11.86
N PRO B 131 19.03 -13.07 -11.45
CA PRO B 131 18.98 -14.29 -12.27
C PRO B 131 17.57 -14.87 -12.24
N GLU B 132 17.23 -15.61 -13.29
CA GLU B 132 15.89 -16.14 -13.48
C GLU B 132 15.78 -17.60 -13.00
N ALA B 133 14.71 -17.89 -12.24
CA ALA B 133 14.38 -19.25 -11.85
C ALA B 133 12.90 -19.41 -11.47
N ARG B 134 12.18 -20.22 -12.25
CA ARG B 134 10.82 -20.61 -11.92
C ARG B 134 10.80 -21.41 -10.62
N LEU B 135 9.70 -21.33 -9.87
CA LEU B 135 9.55 -22.05 -8.62
C LEU B 135 9.69 -23.56 -8.70
N ASP B 136 9.28 -24.15 -9.80
CA ASP B 136 9.41 -25.59 -9.94
C ASP B 136 10.84 -26.05 -10.23
N THR B 137 11.79 -25.13 -10.45
CA THR B 137 13.19 -25.55 -10.64
C THR B 137 14.20 -24.83 -9.73
N MET B 138 13.79 -23.72 -9.11
CA MET B 138 14.69 -22.93 -8.29
C MET B 138 15.37 -23.78 -7.19
N THR B 139 16.69 -23.85 -7.22
CA THR B 139 17.43 -24.65 -6.27
C THR B 139 17.69 -23.87 -4.98
N PRO B 140 18.06 -24.60 -3.89
CA PRO B 140 18.41 -23.89 -2.65
C PRO B 140 19.57 -22.91 -2.87
N GLU B 141 20.54 -23.29 -3.70
CA GLU B 141 21.68 -22.44 -4.03
C GLU B 141 21.28 -21.16 -4.80
N GLN B 142 20.37 -21.29 -5.76
CA GLN B 142 19.85 -20.11 -6.49
C GLN B 142 19.11 -19.16 -5.55
N LEU B 143 18.23 -19.71 -4.71
CA LEU B 143 17.50 -18.89 -3.71
C LEU B 143 18.48 -18.18 -2.76
N SER B 144 19.42 -18.93 -2.19
CA SER B 144 20.40 -18.37 -1.23
C SER B 144 21.29 -17.29 -1.84
N GLU B 145 21.71 -17.50 -3.07
CA GLU B 145 22.54 -16.51 -3.75
C GLU B 145 21.83 -15.13 -3.86
N VAL B 146 20.56 -15.15 -4.28
CA VAL B 146 19.78 -13.92 -4.40
C VAL B 146 19.54 -13.26 -3.02
N LEU B 147 19.22 -14.06 -2.01
CA LEU B 147 19.06 -13.50 -0.65
C LEU B 147 20.38 -12.97 -0.06
N ASP B 148 21.49 -13.69 -0.30
CA ASP B 148 22.80 -13.24 0.18
C ASP B 148 23.21 -11.90 -0.41
N VAL B 149 23.09 -11.75 -1.73
CA VAL B 149 23.52 -10.51 -2.37
C VAL B 149 22.54 -9.37 -2.09
N ASN B 150 21.25 -9.63 -2.31
CA ASN B 150 20.27 -8.55 -2.38
C ASN B 150 19.76 -8.13 -1.01
N VAL B 151 19.65 -9.10 -0.08
CA VAL B 151 19.16 -8.79 1.26
C VAL B 151 20.28 -8.59 2.27
N LYS B 152 21.06 -9.64 2.49
CA LYS B 152 22.18 -9.55 3.43
C LYS B 152 23.16 -8.45 2.99
N GLY B 153 23.40 -8.34 1.70
CA GLY B 153 24.27 -7.30 1.16
C GLY B 153 23.81 -5.90 1.49
N THR B 154 22.50 -5.67 1.44
CA THR B 154 21.90 -4.42 1.88
C THR B 154 22.08 -4.20 3.38
N VAL B 155 21.76 -5.21 4.19
CA VAL B 155 21.89 -5.07 5.63
C VAL B 155 23.34 -4.80 6.04
N TYR B 156 24.26 -5.60 5.49
CA TYR B 156 25.68 -5.46 5.83
C TYR B 156 26.25 -4.12 5.42
N THR B 157 25.84 -3.63 4.25
CA THR B 157 26.30 -2.31 3.78
C THR B 157 25.88 -1.23 4.77
N VAL B 158 24.60 -1.22 5.17
CA VAL B 158 24.13 -0.21 6.12
C VAL B 158 24.84 -0.36 7.48
N GLN B 159 24.92 -1.58 8.00
CA GLN B 159 25.58 -1.83 9.27
C GLN B 159 27.03 -1.36 9.27
N ALA B 160 27.78 -1.69 8.21
CA ALA B 160 29.20 -1.29 8.11
C ALA B 160 29.35 0.24 8.24
N CYS B 161 28.34 1.00 7.77
CA CYS B 161 28.43 2.46 7.72
C CYS B 161 27.72 3.19 8.87
N LEU B 162 27.23 2.44 9.86
CA LEU B 162 26.46 3.08 10.96
C LEU B 162 27.20 4.20 11.68
N ALA B 163 28.47 3.98 12.03
CA ALA B 163 29.25 4.98 12.77
C ALA B 163 29.43 6.31 12.00
N PRO B 164 29.94 6.27 10.74
CA PRO B 164 30.02 7.56 10.05
C PRO B 164 28.66 8.20 9.69
N LEU B 165 27.64 7.39 9.40
CA LEU B 165 26.28 7.92 9.17
C LEU B 165 25.79 8.71 10.39
N THR B 166 25.96 8.11 11.55
CA THR B 166 25.61 8.70 12.85
C THR B 166 26.41 9.97 13.16
N ALA B 167 27.72 9.94 12.89
CA ALA B 167 28.63 11.05 13.27
C ALA B 167 28.31 12.30 12.46
N SER B 168 27.73 12.10 11.28
CA SER B 168 27.50 13.18 10.35
C SER B 168 26.42 14.16 10.84
N GLY B 169 25.41 13.66 11.56
CA GLY B 169 24.30 14.51 12.01
C GLY B 169 23.21 14.64 10.94
N ARG B 170 23.55 14.31 9.70
CA ARG B 170 22.64 14.47 8.56
C ARG B 170 22.79 13.24 7.62
N GLY B 171 22.92 12.04 8.21
CA GLY B 171 23.15 10.81 7.43
C GLY B 171 21.96 10.43 6.53
N ARG B 172 22.27 9.76 5.42
CA ARG B 172 21.28 9.39 4.41
C ARG B 172 21.51 7.99 3.90
N VAL B 173 20.48 7.14 4.00
CA VAL B 173 20.54 5.79 3.45
C VAL B 173 19.51 5.67 2.34
N ILE B 174 19.96 5.27 1.15
CA ILE B 174 19.08 5.11 -0.01
C ILE B 174 19.23 3.70 -0.59
N LEU B 175 18.13 2.95 -0.58
CA LEU B 175 18.14 1.56 -1.00
C LEU B 175 17.59 1.48 -2.42
N THR B 176 18.28 0.77 -3.31
CA THR B 176 17.67 0.45 -4.61
C THR B 176 16.89 -0.86 -4.50
N SER B 177 15.57 -0.74 -4.52
CA SER B 177 14.65 -1.86 -4.46
C SER B 177 14.15 -2.06 -5.92
N SER B 178 12.86 -2.29 -6.13
CA SER B 178 12.29 -2.56 -7.47
C SER B 178 10.77 -2.56 -7.33
N ILE B 179 10.07 -2.34 -8.44
CA ILE B 179 8.63 -2.58 -8.45
C ILE B 179 8.32 -4.09 -8.27
N THR B 180 9.19 -4.92 -8.80
CA THR B 180 9.06 -6.39 -8.69
C THR B 180 9.25 -6.87 -7.26
N GLY B 181 8.16 -7.31 -6.62
CA GLY B 181 8.20 -7.74 -5.22
C GLY B 181 7.29 -6.87 -4.36
N PRO B 182 7.64 -5.59 -4.17
CA PRO B 182 6.76 -4.66 -3.43
C PRO B 182 5.43 -4.38 -4.15
N VAL B 183 5.46 -4.40 -5.48
CA VAL B 183 4.27 -4.04 -6.24
C VAL B 183 3.82 -5.12 -7.19
N THR B 184 4.72 -5.61 -8.03
CA THR B 184 4.34 -6.54 -9.09
C THR B 184 4.96 -7.93 -8.89
N GLY B 185 4.48 -8.88 -9.69
CA GLY B 185 5.09 -10.18 -9.83
C GLY B 185 5.52 -10.43 -11.27
N TYR B 186 6.45 -11.38 -11.45
CA TYR B 186 6.98 -11.73 -12.77
C TYR B 186 7.53 -13.16 -12.71
N PRO B 187 6.78 -14.14 -13.28
CA PRO B 187 7.19 -15.55 -13.26
C PRO B 187 8.68 -15.72 -13.59
N GLY B 188 9.38 -16.48 -12.76
CA GLY B 188 10.84 -16.59 -12.86
C GLY B 188 11.60 -15.70 -11.90
N TRP B 189 10.92 -14.80 -11.19
CA TRP B 189 11.64 -13.84 -10.31
C TRP B 189 11.05 -13.76 -8.91
N SER B 190 10.50 -14.88 -8.39
CA SER B 190 9.90 -14.85 -7.04
C SER B 190 10.94 -14.65 -5.95
N HIS B 191 12.16 -15.13 -6.18
CA HIS B 191 13.26 -14.88 -5.24
C HIS B 191 13.73 -13.43 -5.31
N TYR B 192 13.87 -12.92 -6.52
CA TYR B 192 14.19 -11.50 -6.72
C TYR B 192 13.16 -10.61 -6.00
N GLY B 193 11.88 -10.87 -6.27
CA GLY B 193 10.78 -10.13 -5.62
C GLY B 193 10.77 -10.22 -4.10
N ALA B 194 10.95 -11.43 -3.57
CA ALA B 194 11.15 -11.55 -2.12
C ALA B 194 12.28 -10.64 -1.59
N SER B 195 13.41 -10.61 -2.31
CA SER B 195 14.58 -9.89 -1.87
C SER B 195 14.32 -8.37 -1.90
N LYS B 196 13.60 -7.91 -2.92
CA LYS B 196 13.33 -6.48 -3.07
C LYS B 196 12.28 -6.00 -2.07
N ALA B 197 11.30 -6.85 -1.77
CA ALA B 197 10.35 -6.52 -0.69
C ALA B 197 11.03 -6.60 0.69
N ALA B 198 11.98 -7.54 0.86
CA ALA B 198 12.74 -7.65 2.12
C ALA B 198 13.46 -6.34 2.49
N GLN B 199 14.04 -5.69 1.49
CA GLN B 199 14.69 -4.38 1.71
C GLN B 199 13.75 -3.37 2.36
N LEU B 200 12.49 -3.36 1.93
CA LEU B 200 11.50 -2.43 2.50
C LEU B 200 11.10 -2.80 3.94
N GLY B 201 10.92 -4.10 4.23
CA GLY B 201 10.63 -4.53 5.61
C GLY B 201 11.77 -4.15 6.57
N PHE B 202 13.00 -4.33 6.10
CA PHE B 202 14.20 -3.87 6.82
C PHE B 202 14.17 -2.36 7.04
N MET B 203 13.94 -1.60 5.97
CA MET B 203 13.79 -0.13 6.04
C MET B 203 12.81 0.37 7.09
N ARG B 204 11.62 -0.26 7.17
CA ARG B 204 10.60 0.27 8.11
C ARG B 204 11.03 0.22 9.59
N THR B 205 11.91 -0.72 9.93
CA THR B 205 12.50 -0.72 11.29
C THR B 205 13.80 0.11 11.35
N ALA B 206 14.69 -0.09 10.38
CA ALA B 206 15.95 0.67 10.34
C ALA B 206 15.70 2.19 10.42
N ALA B 207 14.66 2.68 9.74
CA ALA B 207 14.34 4.10 9.77
C ALA B 207 14.08 4.57 11.19
N ILE B 208 13.45 3.71 11.98
CA ILE B 208 13.15 4.06 13.37
C ILE B 208 14.41 4.00 14.23
N GLU B 209 15.20 2.95 14.06
CA GLU B 209 16.45 2.85 14.82
C GLU B 209 17.40 4.04 14.58
N LEU B 210 17.41 4.58 13.36
CA LEU B 210 18.44 5.54 12.98
C LEU B 210 17.97 7.00 13.03
N ALA B 211 16.66 7.21 13.08
CA ALA B 211 16.07 8.55 13.12
C ALA B 211 16.60 9.46 14.24
N PRO B 212 16.74 8.94 15.49
CA PRO B 212 17.24 9.83 16.55
C PRO B 212 18.70 10.25 16.33
N ARG B 213 19.42 9.54 15.47
CA ARG B 213 20.80 9.93 15.13
C ARG B 213 20.85 10.87 13.92
N GLY B 214 19.68 11.28 13.43
CA GLY B 214 19.59 12.19 12.29
C GLY B 214 19.70 11.53 10.92
N VAL B 215 19.67 10.19 10.87
CA VAL B 215 19.79 9.45 9.60
C VAL B 215 18.41 9.12 9.00
N THR B 216 18.18 9.46 7.72
CA THR B 216 16.97 8.99 7.04
C THR B 216 17.27 7.71 6.26
N VAL B 217 16.23 6.92 6.04
CA VAL B 217 16.37 5.64 5.34
C VAL B 217 15.20 5.52 4.37
N ASN B 218 15.50 5.60 3.08
CA ASN B 218 14.46 5.55 2.03
C ASN B 218 14.82 4.57 0.92
N ALA B 219 13.81 4.17 0.14
CA ALA B 219 14.05 3.27 -0.97
C ALA B 219 13.50 3.81 -2.27
N ILE B 220 14.21 3.53 -3.36
CA ILE B 220 13.73 3.82 -4.70
C ILE B 220 13.39 2.51 -5.41
N LEU B 221 12.24 2.49 -6.11
CA LEU B 221 11.73 1.31 -6.79
C LEU B 221 11.67 1.57 -8.28
N PRO B 222 12.76 1.22 -9.01
CA PRO B 222 12.79 1.46 -10.45
C PRO B 222 11.79 0.57 -11.17
N GLY B 223 11.18 1.09 -12.23
CA GLY B 223 10.39 0.25 -13.14
C GLY B 223 11.37 -0.24 -14.22
N ASN B 224 11.02 0.00 -15.47
CA ASN B 224 11.80 -0.49 -16.60
C ASN B 224 12.82 0.58 -17.02
N ILE B 225 14.09 0.31 -16.75
CA ILE B 225 15.15 1.30 -16.97
C ILE B 225 16.07 0.78 -18.09
N LEU B 226 16.31 1.62 -19.09
CA LEU B 226 17.24 1.29 -20.17
C LEU B 226 18.67 1.20 -19.63
N THR B 227 19.23 0.00 -19.60
CA THR B 227 20.63 -0.17 -19.21
C THR B 227 21.49 -0.54 -20.44
N GLU B 228 22.80 -0.60 -20.23
CA GLU B 228 23.76 -0.96 -21.30
C GLU B 228 23.46 -2.34 -21.90
N GLY B 229 23.11 -3.30 -21.04
CA GLY B 229 22.70 -4.64 -21.47
C GLY B 229 21.49 -4.63 -22.40
N LEU B 230 20.49 -3.83 -22.04
CA LEU B 230 19.20 -3.82 -22.75
C LEU B 230 19.24 -3.10 -24.10
N VAL B 231 20.20 -2.20 -24.30
CA VAL B 231 20.33 -1.43 -25.55
C VAL B 231 20.64 -2.32 -26.75
N ASP B 232 21.57 -3.28 -26.56
CA ASP B 232 21.97 -4.21 -27.63
C ASP B 232 20.90 -5.29 -27.88
N MET B 233 19.63 -4.86 -27.94
CA MET B 233 18.50 -5.74 -28.28
C MET B 233 17.56 -5.15 -29.33
N GLY B 234 17.79 -3.87 -29.70
CA GLY B 234 17.12 -3.26 -30.86
C GLY B 234 15.84 -2.49 -30.60
N GLU B 235 15.63 -1.45 -31.42
CA GLU B 235 14.50 -0.51 -31.29
C GLU B 235 13.10 -1.16 -31.34
N GLU B 236 13.00 -2.35 -31.92
CA GLU B 236 11.71 -3.08 -31.96
C GLU B 236 11.36 -3.74 -30.61
N TYR B 237 12.37 -4.30 -29.94
CA TYR B 237 12.18 -4.89 -28.62
C TYR B 237 11.97 -3.81 -27.55
N ILE B 238 12.73 -2.72 -27.66
CA ILE B 238 12.63 -1.59 -26.74
C ILE B 238 11.24 -0.93 -26.80
N SER B 239 10.84 -0.47 -27.99
CA SER B 239 9.56 0.26 -28.12
C SER B 239 8.36 -0.67 -27.90
N GLY B 240 8.58 -1.97 -28.05
CA GLY B 240 7.60 -2.97 -27.61
C GLY B 240 7.32 -2.86 -26.13
N MET B 241 8.37 -2.86 -25.31
CA MET B 241 8.24 -2.67 -23.85
C MET B 241 7.62 -1.32 -23.49
N ALA B 242 8.02 -0.27 -24.22
CA ALA B 242 7.58 1.10 -23.96
C ALA B 242 6.07 1.30 -24.20
N ARG B 243 5.50 0.42 -25.03
CA ARG B 243 4.06 0.47 -25.33
C ARG B 243 3.17 0.28 -24.10
N SER B 244 3.68 -0.41 -23.08
CA SER B 244 2.96 -0.63 -21.83
C SER B 244 3.17 0.48 -20.80
N ILE B 245 3.95 1.49 -21.15
CA ILE B 245 4.33 2.56 -20.23
C ILE B 245 3.63 3.87 -20.63
N PRO B 246 2.80 4.43 -19.74
CA PRO B 246 2.07 5.65 -20.10
C PRO B 246 2.93 6.80 -20.63
N MET B 247 4.12 6.99 -20.04
CA MET B 247 5.04 8.04 -20.46
C MET B 247 5.61 7.77 -21.88
N GLY B 248 5.57 6.51 -22.33
CA GLY B 248 5.92 6.18 -23.71
C GLY B 248 7.39 5.85 -23.98
N MET B 249 8.19 5.75 -22.93
CA MET B 249 9.60 5.39 -23.06
C MET B 249 10.10 4.70 -21.80
N LEU B 250 11.22 3.99 -21.94
CA LEU B 250 11.91 3.44 -20.79
C LEU B 250 12.64 4.55 -20.03
N GLY B 251 12.85 4.36 -18.73
CA GLY B 251 13.58 5.34 -17.91
C GLY B 251 15.07 5.26 -18.16
N SER B 252 15.82 6.14 -17.52
CA SER B 252 17.28 6.08 -17.61
C SER B 252 17.92 5.96 -16.21
N PRO B 253 19.18 5.49 -16.16
CA PRO B 253 19.84 5.44 -14.88
C PRO B 253 19.86 6.76 -14.13
N VAL B 254 20.02 7.90 -14.82
CA VAL B 254 20.01 9.19 -14.11
C VAL B 254 18.65 9.56 -13.51
N ASP B 255 17.55 8.96 -14.00
CA ASP B 255 16.23 9.18 -13.35
C ASP B 255 16.30 8.68 -11.91
N ILE B 256 16.93 7.53 -11.72
CA ILE B 256 17.13 6.98 -10.38
C ILE B 256 18.14 7.86 -9.63
N GLY B 257 19.23 8.23 -10.30
CA GLY B 257 20.28 9.06 -9.69
C GLY B 257 19.76 10.40 -9.15
N HIS B 258 18.93 11.09 -9.94
CA HIS B 258 18.38 12.37 -9.51
C HIS B 258 17.49 12.27 -8.28
N LEU B 259 16.65 11.24 -8.17
CA LEU B 259 15.88 11.04 -6.95
C LEU B 259 16.80 10.76 -5.76
N ALA B 260 17.80 9.90 -5.96
CA ALA B 260 18.75 9.62 -4.88
C ALA B 260 19.43 10.91 -4.41
N ALA B 261 19.85 11.73 -5.39
CA ALA B 261 20.47 13.03 -5.07
C ALA B 261 19.51 13.87 -4.22
N PHE B 262 18.25 13.99 -4.64
CA PHE B 262 17.29 14.78 -3.83
C PHE B 262 17.17 14.24 -2.40
N LEU B 263 16.99 12.92 -2.26
CA LEU B 263 16.86 12.28 -0.95
C LEU B 263 18.08 12.54 -0.02
N ALA B 264 19.26 12.63 -0.60
CA ALA B 264 20.48 12.90 0.15
C ALA B 264 20.66 14.36 0.63
N THR B 265 19.82 15.29 0.15
CA THR B 265 20.03 16.70 0.48
C THR B 265 19.63 16.99 1.90
N ASP B 266 20.10 18.10 2.46
CA ASP B 266 19.59 18.55 3.76
C ASP B 266 18.08 18.79 3.73
N GLU B 267 17.60 19.29 2.57
CA GLU B 267 16.18 19.64 2.37
C GLU B 267 15.23 18.46 2.46
N ALA B 268 15.76 17.23 2.37
CA ALA B 268 14.93 16.02 2.46
C ALA B 268 15.02 15.34 3.83
N GLY B 269 15.52 16.07 4.83
CA GLY B 269 15.73 15.51 6.19
C GLY B 269 14.51 15.04 6.99
N TYR B 270 13.30 15.34 6.51
CA TYR B 270 12.10 14.88 7.23
C TYR B 270 11.40 13.75 6.49
N ILE B 271 12.00 13.29 5.40
CA ILE B 271 11.42 12.19 4.61
C ILE B 271 12.15 10.90 4.97
N THR B 272 11.43 9.93 5.52
CA THR B 272 12.07 8.67 5.90
C THR B 272 11.09 7.50 5.82
N GLY B 273 11.60 6.30 5.52
CA GLY B 273 10.75 5.13 5.36
C GLY B 273 9.93 5.07 4.08
N GLN B 274 10.25 5.85 3.05
CA GLN B 274 9.46 5.86 1.80
C GLN B 274 9.93 4.84 0.77
N ALA B 275 9.00 4.41 -0.07
CA ALA B 275 9.30 3.52 -1.15
C ALA B 275 8.75 4.23 -2.39
N ILE B 276 9.64 4.87 -3.14
CA ILE B 276 9.22 5.73 -4.23
C ILE B 276 9.49 5.09 -5.58
N VAL B 277 8.40 4.89 -6.32
CA VAL B 277 8.44 4.22 -7.61
C VAL B 277 8.79 5.22 -8.71
N VAL B 278 9.73 4.84 -9.58
CA VAL B 278 10.18 5.64 -10.72
C VAL B 278 9.99 4.79 -12.00
N ASP B 279 8.85 4.92 -12.65
CA ASP B 279 8.45 3.94 -13.66
C ASP B 279 7.67 4.48 -14.84
N GLY B 280 7.59 5.80 -14.98
CA GLY B 280 6.81 6.42 -16.07
C GLY B 280 5.32 6.07 -16.05
N GLY B 281 4.80 5.72 -14.87
CA GLY B 281 3.39 5.32 -14.72
C GLY B 281 3.08 3.86 -15.04
N GLN B 282 4.11 3.04 -15.26
CA GLN B 282 3.93 1.62 -15.68
C GLN B 282 2.98 0.79 -14.82
N VAL B 283 3.05 0.95 -13.50
CA VAL B 283 2.21 0.14 -12.61
C VAL B 283 0.79 0.67 -12.45
N LEU B 284 0.43 1.78 -13.09
CA LEU B 284 -0.95 2.33 -12.92
C LEU B 284 -2.07 1.69 -13.77
N PRO B 285 -1.85 1.48 -15.08
CA PRO B 285 -2.98 1.02 -15.91
C PRO B 285 -3.56 -0.32 -15.47
N GLU B 286 -4.89 -0.39 -15.42
CA GLU B 286 -5.62 -1.57 -15.00
C GLU B 286 -5.41 -2.77 -15.96
N SER B 287 -5.20 -2.46 -17.23
CA SER B 287 -5.10 -3.47 -18.30
C SER B 287 -4.50 -2.81 -19.54
N PRO B 288 -4.18 -3.62 -20.59
CA PRO B 288 -3.58 -3.05 -21.80
C PRO B 288 -4.40 -1.92 -22.43
N ASP B 289 -5.72 -2.06 -22.40
CA ASP B 289 -6.61 -1.01 -22.93
C ASP B 289 -6.61 0.30 -22.13
N ALA B 290 -6.13 0.27 -20.88
CA ALA B 290 -6.07 1.45 -20.00
C ALA B 290 -4.75 2.20 -20.11
N VAL B 291 -3.78 1.67 -20.86
CA VAL B 291 -2.44 2.27 -20.93
C VAL B 291 -2.43 3.64 -21.62
N ASN B 292 -3.24 3.78 -22.66
CA ASN B 292 -3.28 5.02 -23.45
C ASN B 292 -4.69 5.59 -23.42
N PRO B 293 -4.80 6.92 -23.25
CA PRO B 293 -6.11 7.55 -23.40
C PRO B 293 -6.55 7.54 -24.87
N VAL C 35 -22.11 -24.31 14.83
CA VAL C 35 -21.85 -24.10 13.36
C VAL C 35 -20.81 -22.98 13.14
N MET C 36 -19.72 -23.32 12.45
CA MET C 36 -18.68 -22.35 12.07
C MET C 36 -19.20 -21.37 11.02
N PHE C 37 -18.89 -20.08 11.18
CA PHE C 37 -19.34 -19.03 10.25
C PHE C 37 -20.88 -18.90 10.18
N ASP C 38 -21.56 -19.14 11.29
CA ASP C 38 -23.04 -19.02 11.33
C ASP C 38 -23.49 -17.58 11.08
N LEU C 39 -24.40 -17.40 10.13
CA LEU C 39 -25.00 -16.08 9.85
C LEU C 39 -26.53 -16.09 9.99
N SER C 40 -27.07 -17.19 10.53
CA SER C 40 -28.52 -17.40 10.61
C SER C 40 -29.24 -16.46 11.57
N ALA C 41 -28.50 -15.86 12.50
CA ALA C 41 -29.08 -14.83 13.39
C ALA C 41 -28.88 -13.37 12.92
N ARG C 42 -28.38 -13.18 11.69
CA ARG C 42 -28.10 -11.80 11.19
C ARG C 42 -29.28 -11.14 10.46
N SER C 43 -29.32 -9.81 10.50
CA SER C 43 -30.24 -9.00 9.70
C SER C 43 -29.43 -8.00 8.88
N VAL C 44 -29.54 -8.13 7.56
CA VAL C 44 -28.60 -7.52 6.63
C VAL C 44 -29.33 -6.54 5.70
N LEU C 45 -28.78 -5.34 5.56
CA LEU C 45 -29.17 -4.41 4.50
C LEU C 45 -28.10 -4.40 3.38
N VAL C 46 -28.54 -4.64 2.14
CA VAL C 46 -27.63 -4.50 0.98
C VAL C 46 -28.13 -3.40 0.05
N THR C 47 -27.40 -2.28 -0.06
CA THR C 47 -27.76 -1.21 -1.02
C THR C 47 -27.29 -1.58 -2.45
N GLY C 48 -28.00 -1.10 -3.47
CA GLY C 48 -27.81 -1.61 -4.86
C GLY C 48 -27.96 -3.12 -4.91
N GLY C 49 -28.89 -3.67 -4.12
CA GLY C 49 -28.96 -5.13 -3.93
C GLY C 49 -29.74 -5.95 -4.97
N THR C 50 -30.25 -5.31 -6.02
CA THR C 50 -31.12 -6.02 -6.98
C THR C 50 -30.41 -6.50 -8.25
N LYS C 51 -29.14 -6.14 -8.40
CA LYS C 51 -28.42 -6.53 -9.62
C LYS C 51 -26.93 -6.71 -9.38
N GLY C 52 -26.29 -7.44 -10.30
CA GLY C 52 -24.83 -7.61 -10.34
C GLY C 52 -24.23 -8.01 -9.00
N ILE C 53 -23.16 -7.31 -8.63
CA ILE C 53 -22.44 -7.56 -7.37
C ILE C 53 -23.38 -7.51 -6.14
N GLY C 54 -24.22 -6.49 -6.06
CA GLY C 54 -25.18 -6.35 -4.96
C GLY C 54 -26.07 -7.57 -4.79
N ARG C 55 -26.59 -8.05 -5.91
CA ARG C 55 -27.45 -9.22 -5.92
C ARG C 55 -26.66 -10.48 -5.48
N GLY C 56 -25.40 -10.57 -5.89
CA GLY C 56 -24.50 -11.65 -5.43
C GLY C 56 -24.33 -11.67 -3.91
N ILE C 57 -24.11 -10.49 -3.33
CA ILE C 57 -24.03 -10.35 -1.88
C ILE C 57 -25.35 -10.77 -1.19
N ALA C 58 -26.47 -10.23 -1.67
CA ALA C 58 -27.78 -10.56 -1.09
C ALA C 58 -28.04 -12.07 -1.14
N THR C 59 -27.70 -12.68 -2.27
CA THR C 59 -27.91 -14.09 -2.51
C THR C 59 -27.18 -14.98 -1.50
N VAL C 60 -25.90 -14.68 -1.26
CA VAL C 60 -25.11 -15.46 -0.32
C VAL C 60 -25.67 -15.33 1.09
N PHE C 61 -25.98 -14.11 1.54
CA PHE C 61 -26.60 -13.93 2.88
C PHE C 61 -27.94 -14.66 3.01
N ALA C 62 -28.75 -14.65 1.95
CA ALA C 62 -30.04 -15.34 1.97
C ALA C 62 -29.85 -16.86 2.12
N ARG C 63 -28.90 -17.42 1.36
CA ARG C 63 -28.56 -18.84 1.42
C ARG C 63 -28.05 -19.22 2.80
N ALA C 64 -27.36 -18.29 3.46
CA ALA C 64 -26.80 -18.52 4.78
C ALA C 64 -27.87 -18.46 5.90
N GLY C 65 -29.10 -18.12 5.54
CA GLY C 65 -30.20 -18.07 6.51
C GLY C 65 -30.44 -16.71 7.17
N ALA C 66 -29.74 -15.66 6.73
CA ALA C 66 -29.94 -14.33 7.29
C ALA C 66 -31.28 -13.70 6.84
N ASN C 67 -31.82 -12.77 7.62
CA ASN C 67 -32.83 -11.84 7.12
C ASN C 67 -32.13 -10.87 6.18
N VAL C 68 -32.71 -10.61 5.01
CA VAL C 68 -32.04 -9.75 4.04
C VAL C 68 -32.99 -8.70 3.49
N ALA C 69 -32.57 -7.44 3.57
CA ALA C 69 -33.25 -6.35 2.88
C ALA C 69 -32.39 -5.89 1.72
N VAL C 70 -32.97 -5.95 0.51
CA VAL C 70 -32.34 -5.37 -0.66
C VAL C 70 -32.95 -4.00 -0.94
N ALA C 71 -32.09 -3.02 -1.21
CA ALA C 71 -32.53 -1.68 -1.51
C ALA C 71 -32.18 -1.28 -2.96
N ALA C 72 -33.04 -0.46 -3.55
CA ALA C 72 -32.90 0.05 -4.91
C ALA C 72 -33.86 1.23 -5.12
N ARG C 73 -33.72 1.91 -6.26
CA ARG C 73 -34.73 2.90 -6.71
C ARG C 73 -35.97 2.28 -7.39
N SER C 74 -35.82 1.14 -8.06
CA SER C 74 -36.93 0.58 -8.87
C SER C 74 -37.78 -0.44 -8.12
N PRO C 75 -39.06 -0.13 -7.87
CA PRO C 75 -40.01 -1.09 -7.32
C PRO C 75 -40.16 -2.40 -8.12
N ARG C 76 -39.91 -2.37 -9.43
CA ARG C 76 -40.03 -3.60 -10.25
C ARG C 76 -38.86 -4.56 -10.01
N GLU C 77 -37.66 -4.00 -9.92
CA GLU C 77 -36.51 -4.85 -9.67
CA GLU C 77 -36.44 -4.77 -9.62
C GLU C 77 -36.59 -5.42 -8.25
N LEU C 78 -37.22 -4.68 -7.34
CA LEU C 78 -37.36 -5.09 -5.95
C LEU C 78 -38.21 -6.34 -5.73
N SER C 79 -39.42 -6.35 -6.26
CA SER C 79 -40.36 -7.46 -6.03
C SER C 79 -39.86 -8.75 -6.67
N SER C 80 -39.15 -8.57 -7.77
CA SER C 80 -38.55 -9.66 -8.51
C SER C 80 -37.40 -10.35 -7.73
N VAL C 81 -36.43 -9.57 -7.27
CA VAL C 81 -35.30 -10.10 -6.49
C VAL C 81 -35.74 -10.62 -5.10
N THR C 82 -36.69 -9.93 -4.46
CA THR C 82 -37.25 -10.37 -3.18
C THR C 82 -37.85 -11.77 -3.23
N ALA C 83 -38.60 -12.07 -4.30
CA ALA C 83 -39.17 -13.39 -4.55
C ALA C 83 -38.10 -14.46 -4.77
N GLU C 84 -37.06 -14.08 -5.52
CA GLU C 84 -35.92 -14.95 -5.80
C GLU C 84 -35.22 -15.37 -4.49
N LEU C 85 -34.94 -14.39 -3.62
CA LEU C 85 -34.17 -14.59 -2.39
C LEU C 85 -34.97 -15.24 -1.28
N GLY C 86 -36.28 -15.06 -1.34
CA GLY C 86 -37.21 -15.48 -0.31
C GLY C 86 -37.18 -16.97 -0.01
N GLU C 87 -36.89 -17.79 -1.00
CA GLU C 87 -36.94 -19.24 -0.79
C GLU C 87 -35.58 -19.90 -0.50
N LEU C 88 -34.49 -19.12 -0.52
CA LEU C 88 -33.13 -19.64 -0.41
C LEU C 88 -32.71 -20.10 0.99
N GLY C 89 -33.40 -19.61 2.02
CA GLY C 89 -33.05 -19.96 3.40
C GLY C 89 -34.18 -19.67 4.36
N ALA C 90 -33.90 -19.72 5.66
CA ALA C 90 -34.95 -19.61 6.68
C ALA C 90 -35.24 -18.18 7.13
N GLY C 91 -34.48 -17.21 6.63
CA GLY C 91 -34.67 -15.81 7.02
C GLY C 91 -35.75 -15.11 6.20
N ASN C 92 -36.19 -13.95 6.65
CA ASN C 92 -37.14 -13.14 5.90
C ASN C 92 -36.43 -12.18 4.94
N VAL C 93 -37.06 -11.91 3.80
CA VAL C 93 -36.50 -11.03 2.78
C VAL C 93 -37.50 -9.92 2.48
N ILE C 94 -37.01 -8.67 2.42
CA ILE C 94 -37.81 -7.52 2.04
C ILE C 94 -37.10 -6.70 0.97
N GLY C 95 -37.89 -5.92 0.23
CA GLY C 95 -37.36 -4.93 -0.70
C GLY C 95 -37.63 -3.55 -0.15
N VAL C 96 -36.67 -2.64 -0.29
CA VAL C 96 -36.78 -1.28 0.25
C VAL C 96 -36.41 -0.24 -0.82
N ARG C 97 -37.29 0.73 -1.06
CA ARG C 97 -36.98 1.84 -1.96
C ARG C 97 -35.97 2.78 -1.31
N LEU C 98 -34.88 3.08 -2.01
CA LEU C 98 -33.81 3.90 -1.45
C LEU C 98 -33.09 4.72 -2.49
N ASP C 99 -32.96 6.02 -2.23
CA ASP C 99 -32.02 6.84 -2.96
C ASP C 99 -30.85 7.10 -2.01
N VAL C 100 -29.73 6.38 -2.22
CA VAL C 100 -28.58 6.48 -1.28
C VAL C 100 -27.99 7.87 -1.13
N SER C 101 -28.04 8.67 -2.19
CA SER C 101 -27.52 10.05 -2.11
C SER C 101 -28.40 10.96 -1.23
N ASP C 102 -29.57 10.49 -0.82
CA ASP C 102 -30.45 11.29 0.04
C ASP C 102 -30.42 10.80 1.49
N PRO C 103 -29.93 11.65 2.41
CA PRO C 103 -29.80 11.25 3.80
C PRO C 103 -31.12 10.84 4.44
N GLY C 104 -32.22 11.51 4.08
CA GLY C 104 -33.55 11.22 4.62
C GLY C 104 -34.05 9.87 4.15
N SER C 105 -33.83 9.56 2.87
CA SER C 105 -34.13 8.23 2.31
C SER C 105 -33.33 7.11 3.05
N CYS C 106 -32.05 7.37 3.33
CA CYS C 106 -31.23 6.41 4.09
C CYS C 106 -31.81 6.14 5.48
N ALA C 107 -32.21 7.20 6.19
CA ALA C 107 -32.85 7.06 7.51
C ALA C 107 -34.14 6.24 7.43
N ASP C 108 -34.97 6.55 6.45
CA ASP C 108 -36.19 5.76 6.20
C ASP C 108 -35.89 4.26 5.98
N ALA C 109 -34.86 3.94 5.21
CA ALA C 109 -34.54 2.55 4.92
C ALA C 109 -34.14 1.81 6.18
N ALA C 110 -33.29 2.42 7.00
CA ALA C 110 -32.85 1.78 8.26
C ALA C 110 -34.04 1.52 9.20
N ARG C 111 -34.91 2.53 9.34
CA ARG C 111 -36.16 2.41 10.10
C ARG C 111 -37.03 1.25 9.56
N THR C 112 -37.22 1.22 8.24
CA THR C 112 -38.01 0.15 7.58
C THR C 112 -37.43 -1.24 7.90
N VAL C 113 -36.10 -1.36 7.82
CA VAL C 113 -35.43 -2.64 8.08
C VAL C 113 -35.60 -3.06 9.55
N VAL C 114 -35.33 -2.14 10.48
CA VAL C 114 -35.51 -2.41 11.91
C VAL C 114 -36.98 -2.79 12.23
N ASP C 115 -37.93 -2.02 11.69
CA ASP C 115 -39.36 -2.36 11.85
C ASP C 115 -39.69 -3.79 11.37
N ALA C 116 -39.15 -4.22 10.24
CA ALA C 116 -39.45 -5.57 9.73
C ALA C 116 -38.71 -6.71 10.45
N PHE C 117 -37.41 -6.53 10.74
CA PHE C 117 -36.59 -7.64 11.27
C PHE C 117 -36.36 -7.61 12.78
N GLY C 118 -36.58 -6.45 13.39
CA GLY C 118 -36.27 -6.24 14.83
C GLY C 118 -34.80 -5.92 15.11
N ALA C 119 -34.01 -5.80 14.04
CA ALA C 119 -32.56 -5.62 14.14
C ALA C 119 -31.99 -5.18 12.80
N LEU C 120 -30.78 -4.63 12.84
CA LEU C 120 -30.01 -4.37 11.63
C LEU C 120 -28.55 -4.44 12.04
N ASP C 121 -27.90 -5.58 11.81
CA ASP C 121 -26.55 -5.74 12.33
C ASP C 121 -25.45 -5.96 11.29
N VAL C 122 -25.84 -5.98 10.01
CA VAL C 122 -24.87 -6.00 8.91
C VAL C 122 -25.34 -5.01 7.85
N VAL C 123 -24.48 -4.07 7.49
CA VAL C 123 -24.80 -3.21 6.36
C VAL C 123 -23.75 -3.32 5.25
N CYS C 124 -24.21 -3.71 4.06
CA CYS C 124 -23.38 -3.73 2.87
C CYS C 124 -23.65 -2.47 2.05
N ALA C 125 -22.76 -1.49 2.20
CA ALA C 125 -22.86 -0.22 1.45
C ALA C 125 -22.23 -0.45 0.09
N ASN C 126 -23.08 -0.91 -0.83
CA ASN C 126 -22.63 -1.48 -2.08
C ASN C 126 -22.98 -0.60 -3.28
N ALA C 127 -24.00 0.26 -3.14
CA ALA C 127 -24.50 1.04 -4.28
C ALA C 127 -23.43 1.96 -4.87
N GLY C 128 -23.38 2.01 -6.20
CA GLY C 128 -22.41 2.88 -6.85
C GLY C 128 -22.65 2.96 -8.34
N ILE C 129 -22.23 4.07 -8.95
CA ILE C 129 -22.33 4.24 -10.40
C ILE C 129 -20.93 4.41 -11.00
N PHE C 130 -20.81 4.07 -12.27
CA PHE C 130 -19.52 4.23 -12.96
C PHE C 130 -19.58 4.75 -14.41
N PRO C 131 -20.23 5.91 -14.65
CA PRO C 131 -20.19 6.48 -16.02
C PRO C 131 -18.78 6.98 -16.40
N GLU C 132 -18.51 7.05 -17.70
CA GLU C 132 -17.23 7.51 -18.23
C GLU C 132 -17.19 9.03 -18.45
N ALA C 133 -16.05 9.65 -18.15
CA ALA C 133 -15.81 11.07 -18.44
C ALA C 133 -14.29 11.37 -18.41
N ARG C 134 -13.72 11.67 -19.56
CA ARG C 134 -12.32 12.05 -19.64
C ARG C 134 -12.15 13.39 -18.93
N LEU C 135 -10.96 13.60 -18.36
CA LEU C 135 -10.66 14.81 -17.61
C LEU C 135 -10.87 16.11 -18.40
N ASP C 136 -10.60 16.10 -19.70
CA ASP C 136 -10.84 17.34 -20.45
C ASP C 136 -12.30 17.68 -20.78
N THR C 137 -13.22 16.74 -20.60
CA THR C 137 -14.63 17.05 -20.84
C THR C 137 -15.51 16.97 -19.59
N MET C 138 -14.97 16.43 -18.48
CA MET C 138 -15.80 16.12 -17.31
C MET C 138 -16.48 17.39 -16.78
N THR C 139 -17.81 17.36 -16.71
CA THR C 139 -18.59 18.51 -16.24
C THR C 139 -18.74 18.50 -14.72
N PRO C 140 -19.03 19.67 -14.13
CA PRO C 140 -19.32 19.69 -12.67
C PRO C 140 -20.44 18.74 -12.30
N GLU C 141 -21.44 18.61 -13.16
CA GLU C 141 -22.57 17.70 -12.91
C GLU C 141 -22.14 16.24 -12.89
N GLN C 142 -21.23 15.86 -13.80
CA GLN C 142 -20.75 14.47 -13.87
C GLN C 142 -19.90 14.12 -12.63
N LEU C 143 -18.95 14.99 -12.29
CA LEU C 143 -18.14 14.84 -11.08
C LEU C 143 -19.04 14.77 -9.82
N SER C 144 -19.94 15.76 -9.67
CA SER C 144 -20.80 15.82 -8.48
C SER C 144 -21.68 14.57 -8.30
N GLU C 145 -22.26 14.08 -9.39
CA GLU C 145 -23.12 12.93 -9.30
C GLU C 145 -22.37 11.68 -8.80
N VAL C 146 -21.18 11.45 -9.32
CA VAL C 146 -20.38 10.30 -8.92
C VAL C 146 -19.97 10.39 -7.43
N LEU C 147 -19.60 11.58 -6.99
CA LEU C 147 -19.28 11.80 -5.57
C LEU C 147 -20.53 11.66 -4.69
N ASP C 148 -21.67 12.23 -5.14
CA ASP C 148 -22.92 12.14 -4.34
C ASP C 148 -23.36 10.69 -4.12
N VAL C 149 -23.40 9.89 -5.19
CA VAL C 149 -23.86 8.50 -5.07
C VAL C 149 -22.83 7.63 -4.35
N ASN C 150 -21.58 7.65 -4.82
CA ASN C 150 -20.57 6.69 -4.41
C ASN C 150 -19.94 7.01 -3.07
N VAL C 151 -19.76 8.29 -2.78
CA VAL C 151 -19.14 8.69 -1.51
C VAL C 151 -20.17 9.09 -0.46
N LYS C 152 -20.94 10.13 -0.76
CA LYS C 152 -21.97 10.58 0.17
C LYS C 152 -22.99 9.44 0.46
N GLY C 153 -23.36 8.70 -0.60
CA GLY C 153 -24.28 7.57 -0.42
C GLY C 153 -23.73 6.55 0.56
N THR C 154 -22.41 6.33 0.52
CA THR C 154 -21.76 5.40 1.45
C THR C 154 -21.82 5.95 2.88
N VAL C 155 -21.46 7.22 3.06
CA VAL C 155 -21.48 7.85 4.38
C VAL C 155 -22.92 7.88 4.99
N TYR C 156 -23.89 8.34 4.20
CA TYR C 156 -25.27 8.42 4.68
C TYR C 156 -25.84 7.03 5.06
N THR C 157 -25.47 6.00 4.29
CA THR C 157 -25.92 4.64 4.58
C THR C 157 -25.41 4.16 5.94
N VAL C 158 -24.10 4.30 6.16
CA VAL C 158 -23.51 3.93 7.44
C VAL C 158 -24.12 4.74 8.60
N GLN C 159 -24.23 6.06 8.43
CA GLN C 159 -24.76 6.94 9.48
C GLN C 159 -26.18 6.54 9.88
N ALA C 160 -27.03 6.27 8.90
CA ALA C 160 -28.42 5.86 9.15
C ALA C 160 -28.49 4.56 9.95
N CYS C 161 -27.47 3.71 9.82
CA CYS C 161 -27.48 2.41 10.49
C CYS C 161 -26.74 2.39 11.84
N LEU C 162 -26.17 3.54 12.26
CA LEU C 162 -25.33 3.55 13.46
C LEU C 162 -26.00 2.99 14.71
N ALA C 163 -27.26 3.38 14.95
CA ALA C 163 -27.97 2.93 16.15
C ALA C 163 -28.22 1.41 16.20
N PRO C 164 -28.83 0.83 15.14
CA PRO C 164 -29.00 -0.63 15.22
C PRO C 164 -27.68 -1.40 15.16
N LEU C 165 -26.68 -0.88 14.45
CA LEU C 165 -25.37 -1.54 14.40
C LEU C 165 -24.77 -1.64 15.80
N THR C 166 -24.89 -0.52 16.53
CA THR C 166 -24.39 -0.39 17.88
C THR C 166 -25.16 -1.29 18.85
N ALA C 167 -26.49 -1.29 18.74
CA ALA C 167 -27.32 -2.10 19.63
C ALA C 167 -27.01 -3.59 19.51
N SER C 168 -26.60 -4.04 18.33
CA SER C 168 -26.34 -5.47 18.17
C SER C 168 -25.16 -6.00 19.00
N GLY C 169 -24.16 -5.16 19.26
CA GLY C 169 -22.94 -5.62 19.94
C GLY C 169 -21.95 -6.34 19.02
N ARG C 170 -22.40 -6.70 17.82
CA ARG C 170 -21.54 -7.42 16.83
C ARG C 170 -21.75 -6.84 15.43
N GLY C 171 -21.86 -5.52 15.34
CA GLY C 171 -22.17 -4.84 14.07
C GLY C 171 -21.10 -5.02 13.00
N ARG C 172 -21.52 -5.00 11.73
CA ARG C 172 -20.62 -5.22 10.60
C ARG C 172 -20.93 -4.25 9.45
N VAL C 173 -19.92 -3.50 9.03
CA VAL C 173 -20.06 -2.62 7.88
C VAL C 173 -19.13 -3.11 6.78
N ILE C 174 -19.68 -3.34 5.59
CA ILE C 174 -18.88 -3.83 4.46
C ILE C 174 -19.08 -2.89 3.27
N LEU C 175 -18.01 -2.28 2.79
CA LEU C 175 -18.09 -1.28 1.72
C LEU C 175 -17.69 -1.92 0.40
N THR C 176 -18.44 -1.67 -0.67
CA THR C 176 -17.98 -2.14 -1.99
C THR C 176 -17.21 -1.02 -2.68
N SER C 177 -15.89 -1.18 -2.72
CA SER C 177 -15.00 -0.25 -3.38
C SER C 177 -14.66 -0.84 -4.76
N SER C 178 -13.39 -0.78 -5.16
CA SER C 178 -12.96 -1.25 -6.48
C SER C 178 -11.42 -1.24 -6.52
N ILE C 179 -10.81 -2.03 -7.40
CA ILE C 179 -9.37 -1.81 -7.70
C ILE C 179 -9.14 -0.43 -8.34
N THR C 180 -10.12 0.09 -9.07
CA THR C 180 -9.96 1.36 -9.79
C THR C 180 -10.01 2.53 -8.83
N GLY C 181 -8.84 3.16 -8.60
CA GLY C 181 -8.72 4.25 -7.62
C GLY C 181 -7.72 3.94 -6.53
N PRO C 182 -8.05 2.96 -5.66
CA PRO C 182 -7.12 2.50 -4.64
C PRO C 182 -5.86 1.87 -5.25
N VAL C 183 -5.98 1.18 -6.39
CA VAL C 183 -4.85 0.44 -6.96
C VAL C 183 -4.49 0.88 -8.39
N THR C 184 -5.48 0.91 -9.28
CA THR C 184 -5.24 1.18 -10.68
C THR C 184 -5.82 2.52 -11.16
N GLY C 185 -5.40 2.91 -12.36
CA GLY C 185 -6.00 4.00 -13.10
C GLY C 185 -6.65 3.48 -14.39
N TYR C 186 -7.63 4.21 -14.89
CA TYR C 186 -8.28 3.86 -16.16
C TYR C 186 -8.82 5.12 -16.79
N PRO C 187 -8.18 5.62 -17.86
CA PRO C 187 -8.63 6.85 -18.52
C PRO C 187 -10.15 6.85 -18.75
N GLY C 188 -10.81 7.94 -18.34
CA GLY C 188 -12.28 7.98 -18.37
C GLY C 188 -12.91 7.83 -16.99
N TRP C 189 -12.15 7.34 -16.02
CA TRP C 189 -12.67 7.02 -14.71
C TRP C 189 -11.95 7.68 -13.52
N SER C 190 -11.42 8.89 -13.72
CA SER C 190 -10.75 9.58 -12.59
C SER C 190 -11.70 10.00 -11.48
N HIS C 191 -12.96 10.30 -11.83
CA HIS C 191 -13.99 10.62 -10.81
C HIS C 191 -14.42 9.35 -10.05
N TYR C 192 -14.69 8.28 -10.80
CA TYR C 192 -14.98 6.97 -10.22
C TYR C 192 -13.85 6.53 -9.27
N GLY C 193 -12.60 6.57 -9.76
CA GLY C 193 -11.44 6.17 -8.95
C GLY C 193 -11.32 7.01 -7.68
N ALA C 194 -11.48 8.33 -7.82
CA ALA C 194 -11.52 9.22 -6.66
C ALA C 194 -12.56 8.75 -5.66
N SER C 195 -13.78 8.42 -6.13
CA SER C 195 -14.87 8.00 -5.24
C SER C 195 -14.59 6.67 -4.51
N LYS C 196 -13.94 5.73 -5.21
CA LYS C 196 -13.68 4.40 -4.67
C LYS C 196 -12.55 4.44 -3.63
N ALA C 197 -11.56 5.29 -3.90
CA ALA C 197 -10.51 5.59 -2.93
C ALA C 197 -11.07 6.37 -1.74
N ALA C 198 -11.98 7.30 -1.99
CA ALA C 198 -12.65 8.06 -0.89
C ALA C 198 -13.28 7.13 0.16
N GLN C 199 -13.93 6.07 -0.31
CA GLN C 199 -14.52 5.07 0.60
C GLN C 199 -13.52 4.49 1.59
N LEU C 200 -12.30 4.23 1.13
CA LEU C 200 -11.23 3.70 2.00
C LEU C 200 -10.71 4.74 2.99
N GLY C 201 -10.52 5.98 2.54
CA GLY C 201 -10.16 7.07 3.46
C GLY C 201 -11.19 7.21 4.58
N PHE C 202 -12.47 7.18 4.20
CA PHE C 202 -13.57 7.20 5.17
C PHE C 202 -13.47 6.02 6.17
N MET C 203 -13.26 4.81 5.63
CA MET C 203 -13.16 3.57 6.42
C MET C 203 -12.09 3.65 7.52
N ARG C 204 -10.90 4.14 7.16
CA ARG C 204 -9.77 4.12 8.10
C ARG C 204 -10.05 4.93 9.38
N THR C 205 -10.86 5.98 9.28
CA THR C 205 -11.35 6.69 10.48
C THR C 205 -12.61 6.04 11.07
N ALA C 206 -13.60 5.74 10.23
CA ALA C 206 -14.85 5.14 10.71
C ALA C 206 -14.57 3.88 11.52
N ALA C 207 -13.61 3.05 11.07
CA ALA C 207 -13.25 1.84 11.82
C ALA C 207 -12.86 2.15 13.26
N ILE C 208 -12.18 3.29 13.47
CA ILE C 208 -11.74 3.65 14.83
C ILE C 208 -12.92 4.21 15.66
N GLU C 209 -13.74 5.05 15.05
CA GLU C 209 -14.91 5.61 15.78
C GLU C 209 -15.87 4.50 16.20
N LEU C 210 -15.99 3.45 15.40
CA LEU C 210 -17.01 2.42 15.66
C LEU C 210 -16.50 1.20 16.43
N ALA C 211 -15.17 1.07 16.54
CA ALA C 211 -14.57 -0.13 17.17
C ALA C 211 -15.05 -0.36 18.61
N PRO C 212 -15.10 0.70 19.45
CA PRO C 212 -15.54 0.46 20.84
C PRO C 212 -17.02 0.09 20.97
N ARG C 213 -17.80 0.32 19.92
CA ARG C 213 -19.19 -0.14 19.87
C ARG C 213 -19.30 -1.57 19.37
N GLY C 214 -18.17 -2.19 19.04
CA GLY C 214 -18.13 -3.57 18.55
C GLY C 214 -18.41 -3.72 17.06
N VAL C 215 -18.40 -2.61 16.33
CA VAL C 215 -18.63 -2.64 14.90
C VAL C 215 -17.29 -2.72 14.13
N THR C 216 -17.18 -3.66 13.19
CA THR C 216 -16.04 -3.65 12.26
C THR C 216 -16.46 -2.99 10.94
N VAL C 217 -15.48 -2.40 10.25
CA VAL C 217 -15.70 -1.63 9.02
C VAL C 217 -14.62 -2.04 8.02
N ASN C 218 -15.01 -2.76 6.97
CA ASN C 218 -14.05 -3.30 6.00
C ASN C 218 -14.54 -3.01 4.58
N ALA C 219 -13.64 -3.19 3.61
CA ALA C 219 -13.96 -2.93 2.24
C ALA C 219 -13.52 -4.08 1.34
N ILE C 220 -14.30 -4.32 0.29
CA ILE C 220 -13.97 -5.31 -0.71
C ILE C 220 -13.74 -4.54 -2.00
N LEU C 221 -12.67 -4.89 -2.72
CA LEU C 221 -12.27 -4.21 -3.96
C LEU C 221 -12.32 -5.19 -5.14
N PRO C 222 -13.49 -5.33 -5.78
CA PRO C 222 -13.63 -6.23 -6.92
C PRO C 222 -12.73 -5.81 -8.06
N GLY C 223 -12.11 -6.79 -8.72
CA GLY C 223 -11.47 -6.53 -10.01
C GLY C 223 -12.54 -6.70 -11.08
N ASN C 224 -12.24 -7.55 -12.07
CA ASN C 224 -13.14 -7.79 -13.20
CA ASN C 224 -13.19 -7.72 -13.14
C ASN C 224 -14.15 -8.91 -12.92
N ILE C 225 -15.40 -8.56 -12.64
CA ILE C 225 -16.43 -9.51 -12.28
C ILE C 225 -17.42 -9.64 -13.44
N LEU C 226 -17.75 -10.86 -13.80
CA LEU C 226 -18.73 -11.08 -14.87
C LEU C 226 -20.15 -10.65 -14.46
N THR C 227 -20.64 -9.56 -15.06
CA THR C 227 -22.01 -9.09 -14.86
C THR C 227 -22.82 -9.21 -16.17
N GLU C 228 -24.12 -8.88 -16.11
CA GLU C 228 -25.03 -8.95 -17.27
C GLU C 228 -24.50 -8.16 -18.49
N GLY C 229 -24.07 -6.92 -18.25
CA GLY C 229 -23.53 -6.05 -19.30
C GLY C 229 -22.30 -6.62 -20.00
N LEU C 230 -21.53 -7.46 -19.29
CA LEU C 230 -20.36 -8.08 -19.89
C LEU C 230 -20.74 -9.32 -20.68
N VAL C 231 -21.67 -10.12 -20.16
CA VAL C 231 -22.14 -11.30 -20.90
C VAL C 231 -22.65 -10.90 -22.28
N ASP C 232 -23.37 -9.77 -22.33
CA ASP C 232 -23.88 -9.23 -23.60
C ASP C 232 -22.78 -8.90 -24.64
N MET C 233 -21.53 -8.75 -24.19
CA MET C 233 -20.41 -8.48 -25.10
C MET C 233 -19.93 -9.69 -25.90
N GLY C 234 -20.26 -10.89 -25.44
CA GLY C 234 -19.92 -12.11 -26.16
C GLY C 234 -18.61 -12.69 -25.63
N GLU C 235 -18.35 -13.94 -26.01
CA GLU C 235 -17.25 -14.72 -25.45
C GLU C 235 -15.87 -14.27 -25.90
N GLU C 236 -15.75 -13.78 -27.13
CA GLU C 236 -14.47 -13.24 -27.63
C GLU C 236 -14.00 -12.05 -26.80
N TYR C 237 -14.92 -11.15 -26.49
CA TYR C 237 -14.61 -9.97 -25.68
C TYR C 237 -14.18 -10.37 -24.27
N ILE C 238 -14.98 -11.24 -23.64
CA ILE C 238 -14.68 -11.78 -22.32
C ILE C 238 -13.34 -12.55 -22.28
N SER C 239 -13.09 -13.44 -23.25
CA SER C 239 -11.82 -14.18 -23.29
CA SER C 239 -11.81 -14.17 -23.30
C SER C 239 -10.63 -13.23 -23.42
N GLY C 240 -10.81 -12.15 -24.18
CA GLY C 240 -9.80 -11.12 -24.31
C GLY C 240 -9.44 -10.43 -23.00
N MET C 241 -10.44 -10.07 -22.20
CA MET C 241 -10.19 -9.59 -20.85
C MET C 241 -9.53 -10.68 -19.98
N ALA C 242 -10.01 -11.93 -20.07
CA ALA C 242 -9.50 -12.99 -19.21
C ALA C 242 -8.00 -13.29 -19.42
N ARG C 243 -7.48 -12.96 -20.60
CA ARG C 243 -6.07 -13.16 -20.94
C ARG C 243 -5.10 -12.30 -20.13
N SER C 244 -5.60 -11.23 -19.52
CA SER C 244 -4.81 -10.40 -18.57
C SER C 244 -4.91 -10.86 -17.12
N ILE C 245 -5.65 -11.93 -16.88
CA ILE C 245 -5.92 -12.36 -15.52
C ILE C 245 -5.24 -13.71 -15.25
N PRO C 246 -4.32 -13.77 -14.27
CA PRO C 246 -3.64 -15.07 -13.96
C PRO C 246 -4.59 -16.27 -13.76
N MET C 247 -5.70 -16.11 -13.05
CA MET C 247 -6.64 -17.22 -12.80
C MET C 247 -7.25 -17.73 -14.11
N GLY C 248 -7.26 -16.89 -15.14
CA GLY C 248 -7.66 -17.31 -16.47
C GLY C 248 -9.13 -17.11 -16.77
N MET C 249 -9.86 -16.45 -15.86
CA MET C 249 -11.28 -16.16 -16.05
C MET C 249 -11.71 -14.93 -15.24
N LEU C 250 -12.88 -14.38 -15.57
CA LEU C 250 -13.48 -13.29 -14.81
C LEU C 250 -14.13 -13.88 -13.56
N GLY C 251 -14.26 -13.06 -12.52
CA GLY C 251 -14.91 -13.49 -11.29
C GLY C 251 -16.44 -13.47 -11.38
N SER C 252 -17.06 -13.85 -10.27
CA SER C 252 -18.51 -13.97 -10.19
C SER C 252 -19.03 -13.06 -9.07
N PRO C 253 -20.28 -12.55 -9.21
CA PRO C 253 -20.85 -11.79 -8.10
C PRO C 253 -20.80 -12.53 -6.75
N VAL C 254 -21.01 -13.85 -6.74
CA VAL C 254 -20.91 -14.59 -5.46
C VAL C 254 -19.50 -14.65 -4.85
N ASP C 255 -18.46 -14.42 -5.67
CA ASP C 255 -17.09 -14.25 -5.12
C ASP C 255 -17.05 -13.08 -4.14
N ILE C 256 -17.69 -11.97 -4.51
CA ILE C 256 -17.85 -10.83 -3.61
C ILE C 256 -18.79 -11.17 -2.45
N GLY C 257 -19.92 -11.82 -2.75
CA GLY C 257 -20.87 -12.24 -1.73
C GLY C 257 -20.25 -13.11 -0.64
N HIS C 258 -19.43 -14.09 -1.03
CA HIS C 258 -18.85 -14.98 -0.04
C HIS C 258 -17.86 -14.29 0.88
N LEU C 259 -17.08 -13.33 0.35
CA LEU C 259 -16.15 -12.58 1.20
C LEU C 259 -16.95 -11.68 2.15
N ALA C 260 -18.00 -11.04 1.64
CA ALA C 260 -18.87 -10.21 2.51
C ALA C 260 -19.46 -11.06 3.64
N ALA C 261 -19.89 -12.26 3.30
CA ALA C 261 -20.48 -13.16 4.31
C ALA C 261 -19.44 -13.50 5.39
N PHE C 262 -18.22 -13.86 4.98
CA PHE C 262 -17.17 -14.16 5.95
C PHE C 262 -16.91 -12.97 6.91
N LEU C 263 -16.81 -11.77 6.35
CA LEU C 263 -16.52 -10.56 7.12
C LEU C 263 -17.63 -10.25 8.13
N ALA C 264 -18.86 -10.66 7.81
CA ALA C 264 -20.01 -10.49 8.69
C ALA C 264 -20.05 -11.47 9.86
N THR C 265 -19.28 -12.56 9.82
CA THR C 265 -19.39 -13.59 10.88
C THR C 265 -18.81 -13.09 12.21
N ASP C 266 -19.22 -13.73 13.32
CA ASP C 266 -18.57 -13.50 14.61
C ASP C 266 -17.07 -13.80 14.53
N GLU C 267 -16.71 -14.81 13.73
CA GLU C 267 -15.32 -15.25 13.55
C GLU C 267 -14.35 -14.20 12.98
N ALA C 268 -14.89 -13.20 12.28
CA ALA C 268 -14.10 -12.11 11.70
C ALA C 268 -14.08 -10.85 12.58
N GLY C 269 -14.46 -11.00 13.85
CA GLY C 269 -14.55 -9.87 14.79
C GLY C 269 -13.26 -9.09 15.07
N TYR C 270 -12.10 -9.62 14.70
CA TYR C 270 -10.84 -8.88 14.97
C TYR C 270 -10.25 -8.24 13.69
N ILE C 271 -10.99 -8.36 12.59
CA ILE C 271 -10.61 -7.78 11.30
C ILE C 271 -11.36 -6.46 11.08
N THR C 272 -10.62 -5.36 10.99
CA THR C 272 -11.24 -4.06 10.70
C THR C 272 -10.30 -3.15 9.90
N GLY C 273 -10.88 -2.24 9.10
CA GLY C 273 -10.11 -1.31 8.28
C GLY C 273 -9.36 -1.91 7.09
N GLN C 274 -9.72 -3.13 6.68
CA GLN C 274 -9.08 -3.83 5.55
C GLN C 274 -9.73 -3.50 4.22
N ALA C 275 -8.90 -3.52 3.18
CA ALA C 275 -9.31 -3.32 1.81
C ALA C 275 -8.85 -4.57 1.08
N ILE C 276 -9.78 -5.49 0.81
CA ILE C 276 -9.37 -6.78 0.27
C ILE C 276 -9.75 -6.88 -1.20
N VAL C 277 -8.74 -7.11 -2.04
CA VAL C 277 -8.89 -7.20 -3.49
C VAL C 277 -9.32 -8.63 -3.92
N VAL C 278 -10.34 -8.70 -4.77
CA VAL C 278 -10.89 -9.95 -5.28
C VAL C 278 -10.86 -9.88 -6.82
N ASP C 279 -9.76 -10.36 -7.40
CA ASP C 279 -9.45 -10.06 -8.79
C ASP C 279 -8.73 -11.15 -9.59
N GLY C 280 -8.58 -12.35 -9.04
CA GLY C 280 -7.92 -13.46 -9.79
C GLY C 280 -6.46 -13.17 -10.09
N GLY C 281 -5.88 -12.24 -9.34
CA GLY C 281 -4.51 -11.78 -9.54
C GLY C 281 -4.29 -10.74 -10.63
N GLN C 282 -5.36 -10.14 -11.14
N GLN C 282 -5.36 -10.13 -11.14
CA GLN C 282 -5.23 -9.18 -12.25
CA GLN C 282 -5.24 -9.17 -12.25
C GLN C 282 -4.23 -8.04 -12.01
C GLN C 282 -4.23 -8.03 -12.00
N VAL C 283 -4.17 -7.52 -10.78
CA VAL C 283 -3.29 -6.38 -10.45
C VAL C 283 -1.82 -6.76 -10.24
N LEU C 284 -1.49 -8.06 -10.29
CA LEU C 284 -0.11 -8.52 -10.04
C LEU C 284 0.90 -8.48 -11.20
N PRO C 285 0.51 -8.96 -12.40
CA PRO C 285 1.57 -9.05 -13.41
C PRO C 285 2.21 -7.68 -13.75
N GLU C 286 3.52 -7.69 -13.94
CA GLU C 286 4.27 -6.47 -14.25
C GLU C 286 3.94 -5.91 -15.65
N SER C 287 3.67 -6.79 -16.60
CA SER C 287 3.39 -6.41 -18.00
C SER C 287 2.70 -7.62 -18.67
N PRO C 288 2.22 -7.46 -19.94
CA PRO C 288 1.54 -8.58 -20.62
C PRO C 288 2.31 -9.90 -20.63
N ASP C 289 3.63 -9.82 -20.79
CA ASP C 289 4.47 -11.01 -20.83
C ASP C 289 4.59 -11.73 -19.47
N ALA C 290 4.32 -11.01 -18.38
CA ALA C 290 4.39 -11.56 -17.03
C ALA C 290 3.09 -12.27 -16.60
N VAL C 291 2.04 -12.20 -17.42
CA VAL C 291 0.71 -12.72 -17.03
C VAL C 291 0.69 -14.25 -16.92
N ASN C 292 1.31 -14.93 -17.88
CA ASN C 292 1.40 -16.41 -17.92
C ASN C 292 2.82 -16.93 -17.73
N PRO C 293 3.01 -17.95 -16.86
CA PRO C 293 4.32 -18.58 -16.83
C PRO C 293 4.58 -19.39 -18.13
N LYS D 34 24.97 24.87 -16.46
CA LYS D 34 24.04 23.72 -16.32
C LYS D 34 23.71 23.44 -14.83
N VAL D 35 22.68 24.13 -14.32
CA VAL D 35 22.28 23.97 -12.93
C VAL D 35 21.38 22.73 -12.81
N MET D 36 21.80 21.79 -11.96
CA MET D 36 20.95 20.66 -11.62
C MET D 36 19.71 21.18 -10.87
N PHE D 37 18.55 20.60 -11.18
CA PHE D 37 17.26 20.96 -10.53
C PHE D 37 16.89 22.46 -10.75
N ASP D 38 17.19 22.98 -11.93
CA ASP D 38 16.87 24.37 -12.28
C ASP D 38 15.35 24.56 -12.38
N LEU D 39 14.83 25.55 -11.67
CA LEU D 39 13.41 25.91 -11.75
C LEU D 39 13.22 27.36 -12.18
N SER D 40 14.31 28.00 -12.61
CA SER D 40 14.25 29.44 -12.92
C SER D 40 13.39 29.75 -14.15
N ALA D 41 13.11 28.76 -14.99
CA ALA D 41 12.19 28.98 -16.13
C ALA D 41 10.72 28.57 -15.87
N ARG D 42 10.34 28.30 -14.62
CA ARG D 42 9.00 27.81 -14.37
C ARG D 42 8.01 28.91 -14.02
N SER D 43 6.74 28.67 -14.38
CA SER D 43 5.64 29.50 -13.92
C SER D 43 4.65 28.64 -13.13
N VAL D 44 4.46 29.01 -11.86
CA VAL D 44 3.83 28.12 -10.85
C VAL D 44 2.56 28.75 -10.25
N LEU D 45 1.46 28.01 -10.27
CA LEU D 45 0.27 28.36 -9.50
C LEU D 45 0.22 27.51 -8.20
N VAL D 46 0.10 28.18 -7.05
CA VAL D 46 -0.05 27.47 -5.76
C VAL D 46 -1.41 27.87 -5.14
N THR D 47 -2.36 26.94 -5.14
CA THR D 47 -3.67 27.20 -4.49
C THR D 47 -3.55 27.13 -2.95
N GLY D 48 -4.33 27.93 -2.23
CA GLY D 48 -4.14 28.08 -0.78
C GLY D 48 -2.70 28.45 -0.46
N GLY D 49 -2.11 29.30 -1.28
CA GLY D 49 -0.67 29.59 -1.19
C GLY D 49 -0.23 30.69 -0.22
N THR D 50 -1.15 31.33 0.50
CA THR D 50 -0.80 32.45 1.39
C THR D 50 -0.42 32.04 2.82
N LYS D 51 -0.76 30.83 3.24
CA LYS D 51 -0.48 30.39 4.62
C LYS D 51 -0.07 28.92 4.70
N GLY D 52 0.52 28.58 5.83
CA GLY D 52 0.85 27.19 6.17
C GLY D 52 1.71 26.49 5.14
N ILE D 53 1.32 25.28 4.79
CA ILE D 53 2.05 24.47 3.84
C ILE D 53 2.07 25.14 2.46
N GLY D 54 0.94 25.69 2.01
CA GLY D 54 0.90 26.37 0.69
C GLY D 54 1.93 27.49 0.59
N ARG D 55 2.07 28.26 1.67
CA ARG D 55 3.07 29.31 1.70
C ARG D 55 4.50 28.76 1.66
N GLY D 56 4.76 27.65 2.34
CA GLY D 56 6.06 27.00 2.27
C GLY D 56 6.38 26.55 0.83
N ILE D 57 5.40 25.97 0.15
CA ILE D 57 5.52 25.65 -1.28
C ILE D 57 5.87 26.90 -2.14
N ALA D 58 5.04 27.93 -2.04
CA ALA D 58 5.26 29.20 -2.78
C ALA D 58 6.63 29.82 -2.47
N THR D 59 7.04 29.77 -1.22
CA THR D 59 8.34 30.34 -0.79
C THR D 59 9.52 29.61 -1.42
N VAL D 60 9.51 28.27 -1.42
CA VAL D 60 10.61 27.51 -2.05
C VAL D 60 10.72 27.82 -3.55
N PHE D 61 9.58 27.82 -4.26
CA PHE D 61 9.57 28.13 -5.70
C PHE D 61 10.07 29.55 -5.97
N ALA D 62 9.66 30.49 -5.10
CA ALA D 62 10.10 31.89 -5.24
C ALA D 62 11.63 31.98 -5.06
N ARG D 63 12.16 31.25 -4.09
CA ARG D 63 13.60 31.23 -3.84
C ARG D 63 14.38 30.59 -4.99
N ALA D 64 13.75 29.64 -5.67
CA ALA D 64 14.40 28.95 -6.79
C ALA D 64 14.33 29.77 -8.09
N GLY D 65 13.73 30.96 -8.03
CA GLY D 65 13.71 31.87 -9.17
C GLY D 65 12.51 31.71 -10.12
N ALA D 66 11.53 30.90 -9.77
CA ALA D 66 10.33 30.75 -10.61
C ALA D 66 9.40 31.97 -10.50
N ASN D 67 8.59 32.19 -11.54
CA ASN D 67 7.38 32.99 -11.42
C ASN D 67 6.35 32.25 -10.55
N VAL D 68 5.77 32.94 -9.56
CA VAL D 68 4.84 32.30 -8.64
C VAL D 68 3.55 33.10 -8.50
N ALA D 69 2.42 32.44 -8.77
CA ALA D 69 1.10 32.96 -8.45
C ALA D 69 0.56 32.27 -7.20
N VAL D 70 0.34 33.04 -6.14
CA VAL D 70 -0.28 32.50 -4.93
C VAL D 70 -1.78 32.85 -4.95
N ALA D 71 -2.61 31.84 -4.72
CA ALA D 71 -4.05 32.01 -4.77
C ALA D 71 -4.66 31.86 -3.38
N ALA D 72 -5.74 32.58 -3.12
CA ALA D 72 -6.52 32.44 -1.88
C ALA D 72 -7.96 32.82 -2.15
N ARG D 73 -8.88 32.23 -1.39
CA ARG D 73 -10.30 32.60 -1.46
C ARG D 73 -10.52 34.06 -1.09
N SER D 74 -9.92 34.50 0.01
CA SER D 74 -10.03 35.90 0.41
C SER D 74 -8.95 36.74 -0.29
N PRO D 75 -9.30 37.98 -0.70
CA PRO D 75 -8.31 38.89 -1.28
C PRO D 75 -7.41 39.57 -0.25
N ARG D 76 -7.69 39.36 1.03
CA ARG D 76 -7.02 40.05 2.14
C ARG D 76 -5.50 40.00 2.17
N GLU D 77 -4.95 38.80 2.04
CA GLU D 77 -3.50 38.61 2.22
C GLU D 77 -2.72 38.73 0.92
N LEU D 78 -3.43 38.94 -0.18
CA LEU D 78 -2.83 38.84 -1.51
C LEU D 78 -1.70 39.86 -1.81
N SER D 79 -1.94 41.15 -1.55
CA SER D 79 -0.94 42.18 -1.82
CA SER D 79 -0.94 42.18 -1.81
C SER D 79 0.31 41.98 -0.95
N SER D 80 0.11 41.73 0.35
CA SER D 80 1.23 41.59 1.25
C SER D 80 2.15 40.38 0.94
N VAL D 81 1.56 39.22 0.67
CA VAL D 81 2.35 38.03 0.33
C VAL D 81 3.17 38.24 -0.95
N THR D 82 2.57 38.94 -1.92
CA THR D 82 3.27 39.35 -3.12
C THR D 82 4.52 40.22 -2.89
N ALA D 83 4.41 41.22 -2.01
CA ALA D 83 5.56 42.07 -1.69
C ALA D 83 6.62 41.27 -0.91
N GLU D 84 6.17 40.34 -0.08
CA GLU D 84 7.07 39.57 0.76
C GLU D 84 7.83 38.51 -0.02
N LEU D 85 7.14 37.80 -0.92
CA LEU D 85 7.76 36.75 -1.72
C LEU D 85 8.51 37.29 -2.94
N GLY D 86 8.10 38.48 -3.41
CA GLY D 86 8.70 39.15 -4.56
C GLY D 86 10.18 39.40 -4.34
N GLU D 87 10.56 39.41 -3.07
CA GLU D 87 11.91 39.70 -2.63
C GLU D 87 12.89 38.52 -2.76
N LEU D 88 12.35 37.30 -2.87
CA LEU D 88 13.15 36.10 -2.58
C LEU D 88 13.98 35.53 -3.75
N GLY D 89 13.64 35.89 -4.99
CA GLY D 89 14.36 35.36 -6.16
C GLY D 89 14.11 36.19 -7.40
N ALA D 90 14.62 35.73 -8.54
CA ALA D 90 14.59 36.52 -9.78
C ALA D 90 13.25 36.53 -10.53
N GLY D 91 12.31 35.67 -10.15
CA GLY D 91 11.02 35.58 -10.85
C GLY D 91 10.02 36.64 -10.38
N ASN D 92 8.86 36.68 -11.01
CA ASN D 92 7.80 37.59 -10.57
C ASN D 92 6.77 36.86 -9.73
N VAL D 93 6.16 37.57 -8.78
CA VAL D 93 5.13 37.00 -7.92
C VAL D 93 3.84 37.78 -8.02
N ILE D 94 2.71 37.08 -8.19
CA ILE D 94 1.41 37.74 -8.22
C ILE D 94 0.47 37.06 -7.22
N GLY D 95 -0.60 37.76 -6.82
CA GLY D 95 -1.66 37.19 -5.99
C GLY D 95 -2.92 37.03 -6.81
N VAL D 96 -3.59 35.89 -6.68
CA VAL D 96 -4.80 35.60 -7.46
C VAL D 96 -5.95 35.25 -6.51
N ARG D 97 -7.09 35.91 -6.66
CA ARG D 97 -8.29 35.55 -5.90
C ARG D 97 -8.98 34.33 -6.54
N LEU D 98 -9.18 33.28 -5.75
CA LEU D 98 -9.63 32.01 -6.30
C LEU D 98 -10.47 31.22 -5.31
N ASP D 99 -11.66 30.81 -5.77
CA ASP D 99 -12.48 29.84 -5.04
C ASP D 99 -12.33 28.51 -5.80
N VAL D 100 -11.52 27.59 -5.25
CA VAL D 100 -11.26 26.32 -5.94
C VAL D 100 -12.49 25.47 -6.20
N SER D 101 -13.52 25.63 -5.37
CA SER D 101 -14.73 24.83 -5.56
C SER D 101 -15.57 25.31 -6.75
N ASP D 102 -15.21 26.46 -7.31
CA ASP D 102 -15.95 27.07 -8.42
C ASP D 102 -15.21 26.91 -9.74
N PRO D 103 -15.78 26.14 -10.70
CA PRO D 103 -15.12 25.93 -11.97
C PRO D 103 -14.72 27.20 -12.71
N GLY D 104 -15.63 28.19 -12.76
CA GLY D 104 -15.36 29.48 -13.44
C GLY D 104 -14.24 30.29 -12.76
N SER D 105 -14.20 30.25 -11.43
CA SER D 105 -13.12 30.89 -10.69
C SER D 105 -11.76 30.23 -11.03
N CYS D 106 -11.75 28.89 -11.12
CA CYS D 106 -10.55 28.14 -11.57
C CYS D 106 -10.09 28.56 -12.97
N ALA D 107 -11.02 28.60 -13.92
CA ALA D 107 -10.74 29.08 -15.28
C ALA D 107 -10.21 30.51 -15.29
N ASP D 108 -10.82 31.40 -14.50
CA ASP D 108 -10.30 32.77 -14.40
C ASP D 108 -8.86 32.82 -13.87
N ALA D 109 -8.57 32.00 -12.86
CA ALA D 109 -7.24 31.98 -12.26
C ALA D 109 -6.17 31.57 -13.27
N ALA D 110 -6.42 30.49 -13.99
CA ALA D 110 -5.49 30.01 -15.01
C ALA D 110 -5.22 31.10 -16.08
N ARG D 111 -6.29 31.77 -16.52
CA ARG D 111 -6.17 32.88 -17.48
C ARG D 111 -5.32 34.02 -16.93
N THR D 112 -5.58 34.40 -15.68
CA THR D 112 -4.81 35.46 -15.02
C THR D 112 -3.33 35.09 -15.00
N VAL D 113 -3.02 33.83 -14.69
CA VAL D 113 -1.62 33.41 -14.59
C VAL D 113 -0.93 33.44 -15.96
N VAL D 114 -1.57 32.85 -16.97
CA VAL D 114 -1.04 32.86 -18.32
C VAL D 114 -0.85 34.30 -18.85
N ASP D 115 -1.78 35.20 -18.55
CA ASP D 115 -1.65 36.60 -18.97
C ASP D 115 -0.43 37.26 -18.33
N ALA D 116 -0.20 37.00 -17.04
CA ALA D 116 0.91 37.63 -16.32
C ALA D 116 2.28 37.04 -16.66
N PHE D 117 2.33 35.72 -16.79
CA PHE D 117 3.62 35.04 -16.90
C PHE D 117 3.93 34.57 -18.33
N GLY D 118 2.90 34.50 -19.17
CA GLY D 118 3.02 33.92 -20.53
C GLY D 118 3.06 32.39 -20.55
N ALA D 119 2.82 31.75 -19.40
CA ALA D 119 2.89 30.29 -19.29
C ALA D 119 2.33 29.85 -17.93
N LEU D 120 2.01 28.57 -17.81
CA LEU D 120 1.66 27.96 -16.53
C LEU D 120 2.08 26.49 -16.64
N ASP D 121 3.24 26.15 -16.09
CA ASP D 121 3.76 24.79 -16.29
C ASP D 121 3.86 23.93 -15.01
N VAL D 122 3.51 24.53 -13.87
CA VAL D 122 3.46 23.79 -12.60
C VAL D 122 2.21 24.23 -11.85
N VAL D 123 1.34 23.29 -11.50
CA VAL D 123 0.24 23.62 -10.59
C VAL D 123 0.32 22.80 -9.31
N CYS D 124 0.37 23.49 -8.19
CA CYS D 124 0.33 22.85 -6.89
C CYS D 124 -1.09 22.97 -6.36
N ALA D 125 -1.88 21.91 -6.51
CA ALA D 125 -3.27 21.90 -6.05
C ALA D 125 -3.23 21.53 -4.57
N ASN D 126 -3.10 22.58 -3.77
CA ASN D 126 -2.75 22.50 -2.37
C ASN D 126 -3.89 22.90 -1.43
N ALA D 127 -4.82 23.74 -1.89
CA ALA D 127 -5.95 24.17 -1.06
C ALA D 127 -6.77 23.00 -0.50
N GLY D 128 -7.11 23.13 0.78
CA GLY D 128 -7.91 22.12 1.47
C GLY D 128 -8.34 22.67 2.83
N ILE D 129 -9.46 22.13 3.34
CA ILE D 129 -9.93 22.46 4.68
C ILE D 129 -10.04 21.19 5.53
N PHE D 130 -9.98 21.36 6.85
CA PHE D 130 -10.06 20.20 7.76
C PHE D 130 -10.83 20.43 9.08
N PRO D 131 -12.08 20.93 8.98
CA PRO D 131 -12.93 21.04 10.18
C PRO D 131 -13.26 19.64 10.71
N GLU D 132 -13.55 19.55 12.01
CA GLU D 132 -13.83 18.30 12.68
C GLU D 132 -15.32 17.99 12.68
N ALA D 133 -15.67 16.71 12.53
CA ALA D 133 -17.07 16.23 12.62
C ALA D 133 -17.08 14.72 12.85
N ARG D 134 -17.52 14.31 14.03
CA ARG D 134 -17.70 12.90 14.35
C ARG D 134 -18.80 12.34 13.45
N LEU D 135 -18.64 11.08 13.09
CA LEU D 135 -19.61 10.37 12.27
C LEU D 135 -21.05 10.46 12.79
N ASP D 136 -21.24 10.39 14.11
CA ASP D 136 -22.60 10.46 14.62
C ASP D 136 -23.27 11.84 14.56
N THR D 137 -22.51 12.92 14.33
CA THR D 137 -23.13 14.24 14.19
C THR D 137 -22.93 14.94 12.84
N MET D 138 -22.03 14.42 12.00
CA MET D 138 -21.68 15.05 10.72
C MET D 138 -22.92 15.27 9.83
N THR D 139 -23.13 16.54 9.46
CA THR D 139 -24.26 16.91 8.62
C THR D 139 -23.94 16.74 7.14
N PRO D 140 -24.99 16.65 6.30
CA PRO D 140 -24.82 16.71 4.83
C PRO D 140 -24.00 17.93 4.39
N GLU D 141 -24.21 19.07 5.05
CA GLU D 141 -23.50 20.30 4.72
C GLU D 141 -22.00 20.21 5.05
N GLN D 142 -21.67 19.66 6.22
CA GLN D 142 -20.28 19.48 6.63
C GLN D 142 -19.54 18.51 5.68
N LEU D 143 -20.17 17.37 5.38
CA LEU D 143 -19.62 16.42 4.41
C LEU D 143 -19.44 17.06 3.03
N SER D 144 -20.49 17.69 2.51
CA SER D 144 -20.44 18.27 1.17
C SER D 144 -19.39 19.36 1.04
N GLU D 145 -19.25 20.20 2.06
CA GLU D 145 -18.26 21.27 1.97
C GLU D 145 -16.84 20.73 1.86
N VAL D 146 -16.52 19.70 2.64
CA VAL D 146 -15.19 19.09 2.62
C VAL D 146 -14.89 18.42 1.25
N LEU D 147 -15.88 17.74 0.68
CA LEU D 147 -15.73 17.13 -0.65
C LEU D 147 -15.63 18.20 -1.77
N ASP D 148 -16.42 19.28 -1.65
CA ASP D 148 -16.42 20.34 -2.67
C ASP D 148 -15.05 21.05 -2.72
N VAL D 149 -14.53 21.45 -1.56
CA VAL D 149 -13.24 22.17 -1.52
C VAL D 149 -12.08 21.20 -1.83
N ASN D 150 -12.04 20.08 -1.11
CA ASN D 150 -10.86 19.23 -1.11
C ASN D 150 -10.76 18.30 -2.33
N VAL D 151 -11.89 17.83 -2.84
CA VAL D 151 -11.88 16.94 -4.01
C VAL D 151 -12.22 17.71 -5.29
N LYS D 152 -13.41 18.28 -5.36
CA LYS D 152 -13.80 19.02 -6.58
C LYS D 152 -12.82 20.17 -6.82
N GLY D 153 -12.41 20.85 -5.74
CA GLY D 153 -11.41 21.94 -5.85
C GLY D 153 -10.14 21.48 -6.55
N THR D 154 -9.67 20.26 -6.21
CA THR D 154 -8.53 19.67 -6.87
C THR D 154 -8.79 19.36 -8.36
N VAL D 155 -9.92 18.74 -8.67
CA VAL D 155 -10.23 18.36 -10.06
C VAL D 155 -10.35 19.62 -10.93
N TYR D 156 -11.12 20.60 -10.47
CA TYR D 156 -11.32 21.84 -11.23
C TYR D 156 -10.04 22.65 -11.41
N THR D 157 -9.17 22.66 -10.39
CA THR D 157 -7.86 23.32 -10.52
C THR D 157 -7.05 22.69 -11.67
N VAL D 158 -6.95 21.36 -11.68
CA VAL D 158 -6.14 20.66 -12.67
C VAL D 158 -6.79 20.88 -14.05
N GLN D 159 -8.10 20.73 -14.12
CA GLN D 159 -8.83 20.92 -15.40
C GLN D 159 -8.58 22.30 -16.01
N ALA D 160 -8.68 23.34 -15.18
CA ALA D 160 -8.50 24.71 -15.68
C ALA D 160 -7.07 24.94 -16.24
N CYS D 161 -6.11 24.13 -15.78
CA CYS D 161 -4.71 24.30 -16.17
C CYS D 161 -4.26 23.36 -17.29
N LEU D 162 -5.16 22.50 -17.80
CA LEU D 162 -4.77 21.49 -18.79
C LEU D 162 -4.07 22.06 -20.02
N ALA D 163 -4.66 23.10 -20.61
CA ALA D 163 -4.11 23.69 -21.84
C ALA D 163 -2.67 24.23 -21.64
N PRO D 164 -2.44 25.13 -20.65
CA PRO D 164 -1.05 25.59 -20.52
C PRO D 164 -0.09 24.49 -20.05
N LEU D 165 -0.56 23.55 -19.25
CA LEU D 165 0.30 22.44 -18.82
C LEU D 165 0.80 21.64 -20.01
N THR D 166 -0.13 21.34 -20.92
CA THR D 166 0.14 20.64 -22.17
C THR D 166 1.06 21.42 -23.09
N ALA D 167 0.81 22.72 -23.24
CA ALA D 167 1.62 23.56 -24.13
C ALA D 167 3.10 23.60 -23.73
N SER D 168 3.38 23.52 -22.43
CA SER D 168 4.77 23.65 -21.95
C SER D 168 5.67 22.49 -22.38
N GLY D 169 5.12 21.30 -22.60
CA GLY D 169 5.94 20.12 -22.91
C GLY D 169 6.54 19.42 -21.69
N ARG D 170 6.47 20.08 -20.52
CA ARG D 170 7.09 19.58 -19.28
C ARG D 170 6.17 19.91 -18.09
N GLY D 171 4.88 19.71 -18.26
CA GLY D 171 3.89 20.09 -17.25
C GLY D 171 4.03 19.29 -15.95
N ARG D 172 3.67 19.91 -14.83
CA ARG D 172 3.81 19.24 -13.52
C ARG D 172 2.57 19.51 -12.67
N VAL D 173 1.93 18.45 -12.19
CA VAL D 173 0.83 18.60 -11.24
C VAL D 173 1.25 17.99 -9.91
N ILE D 174 1.13 18.75 -8.83
CA ILE D 174 1.52 18.30 -7.49
C ILE D 174 0.35 18.52 -6.55
N LEU D 175 -0.15 17.43 -5.95
CA LEU D 175 -1.33 17.49 -5.08
C LEU D 175 -0.89 17.46 -3.64
N THR D 176 -1.51 18.28 -2.79
CA THR D 176 -1.30 18.14 -1.36
C THR D 176 -2.39 17.29 -0.75
N SER D 177 -2.01 16.08 -0.34
CA SER D 177 -2.93 15.13 0.25
C SER D 177 -2.60 15.13 1.74
N SER D 178 -2.56 13.95 2.38
CA SER D 178 -2.30 13.86 3.82
C SER D 178 -2.05 12.40 4.16
N ILE D 179 -1.36 12.11 5.27
CA ILE D 179 -1.39 10.73 5.80
C ILE D 179 -2.82 10.32 6.22
N THR D 180 -3.64 11.28 6.65
CA THR D 180 -5.00 10.99 7.17
C THR D 180 -5.91 10.67 5.98
N GLY D 181 -6.34 9.41 5.89
CA GLY D 181 -7.15 8.92 4.76
C GLY D 181 -6.42 7.81 4.00
N PRO D 182 -5.37 8.17 3.24
CA PRO D 182 -4.56 7.15 2.56
C PRO D 182 -3.89 6.16 3.54
N VAL D 183 -3.53 6.60 4.74
CA VAL D 183 -2.74 5.77 5.64
C VAL D 183 -3.40 5.59 7.02
N THR D 184 -3.75 6.71 7.65
CA THR D 184 -4.20 6.67 9.03
C THR D 184 -5.68 7.07 9.16
N GLY D 185 -6.23 6.79 10.34
CA GLY D 185 -7.55 7.29 10.72
C GLY D 185 -7.41 8.22 11.92
N TYR D 186 -8.39 9.13 12.09
CA TYR D 186 -8.41 10.05 13.22
C TYR D 186 -9.86 10.43 13.53
N PRO D 187 -10.45 9.89 14.61
CA PRO D 187 -11.86 10.20 14.95
C PRO D 187 -12.19 11.69 14.81
N GLY D 188 -13.24 12.02 14.04
CA GLY D 188 -13.60 13.40 13.77
C GLY D 188 -13.22 13.85 12.37
N TRP D 189 -12.41 13.05 11.65
CA TRP D 189 -11.92 13.43 10.33
C TRP D 189 -12.19 12.38 9.22
N SER D 190 -13.28 11.61 9.35
CA SER D 190 -13.62 10.62 8.31
C SER D 190 -13.96 11.26 6.95
N HIS D 191 -14.54 12.47 6.97
CA HIS D 191 -14.77 13.23 5.72
C HIS D 191 -13.48 13.76 5.15
N TYR D 192 -12.63 14.31 6.01
CA TYR D 192 -11.31 14.76 5.60
C TYR D 192 -10.50 13.61 5.01
N GLY D 193 -10.40 12.49 5.75
CA GLY D 193 -9.69 11.32 5.25
C GLY D 193 -10.22 10.83 3.91
N ALA D 194 -11.56 10.76 3.77
CA ALA D 194 -12.17 10.42 2.47
C ALA D 194 -11.68 11.37 1.37
N SER D 195 -11.68 12.67 1.66
CA SER D 195 -11.24 13.65 0.66
C SER D 195 -9.77 13.50 0.23
N LYS D 196 -8.90 13.16 1.18
CA LYS D 196 -7.45 13.07 0.92
C LYS D 196 -7.11 11.79 0.17
N ALA D 197 -7.83 10.71 0.48
CA ALA D 197 -7.71 9.48 -0.28
C ALA D 197 -8.27 9.66 -1.69
N ALA D 198 -9.39 10.38 -1.81
CA ALA D 198 -10.00 10.70 -3.14
C ALA D 198 -9.04 11.36 -4.11
N GLN D 199 -8.21 12.28 -3.62
CA GLN D 199 -7.17 12.90 -4.45
C GLN D 199 -6.24 11.87 -5.11
N LEU D 200 -5.95 10.80 -4.40
CA LEU D 200 -5.03 9.77 -4.90
C LEU D 200 -5.69 8.85 -5.93
N GLY D 201 -6.96 8.52 -5.69
CA GLY D 201 -7.76 7.78 -6.66
C GLY D 201 -7.88 8.59 -7.96
N PHE D 202 -8.16 9.88 -7.84
CA PHE D 202 -8.10 10.80 -8.97
C PHE D 202 -6.75 10.72 -9.69
N MET D 203 -5.66 10.90 -8.93
CA MET D 203 -4.30 10.89 -9.47
C MET D 203 -3.97 9.64 -10.32
N ARG D 204 -4.33 8.45 -9.83
CA ARG D 204 -3.88 7.23 -10.48
C ARG D 204 -4.42 7.12 -11.91
N THR D 205 -5.60 7.69 -12.15
CA THR D 205 -6.13 7.83 -13.52
C THR D 205 -5.63 9.08 -14.23
N ALA D 206 -5.65 10.23 -13.56
CA ALA D 206 -5.18 11.49 -14.20
C ALA D 206 -3.75 11.37 -14.73
N ALA D 207 -2.87 10.68 -13.99
CA ALA D 207 -1.46 10.52 -14.42
C ALA D 207 -1.37 9.78 -15.78
N ILE D 208 -2.28 8.82 -16.01
CA ILE D 208 -2.34 8.09 -17.29
C ILE D 208 -2.87 8.97 -18.43
N GLU D 209 -3.94 9.71 -18.16
CA GLU D 209 -4.54 10.60 -19.16
C GLU D 209 -3.56 11.68 -19.57
N LEU D 210 -2.74 12.15 -18.64
CA LEU D 210 -1.89 13.30 -18.92
C LEU D 210 -0.47 12.95 -19.39
N ALA D 211 -0.04 11.70 -19.18
CA ALA D 211 1.33 11.29 -19.50
C ALA D 211 1.77 11.55 -20.95
N PRO D 212 0.93 11.22 -21.96
CA PRO D 212 1.38 11.45 -23.34
C PRO D 212 1.49 12.93 -23.69
N ARG D 213 0.94 13.79 -22.83
CA ARG D 213 1.09 15.23 -23.00
C ARG D 213 2.34 15.78 -22.29
N GLY D 214 3.12 14.88 -21.68
CA GLY D 214 4.34 15.28 -20.97
C GLY D 214 4.11 15.77 -19.55
N VAL D 215 2.90 15.63 -19.03
CA VAL D 215 2.56 16.09 -17.68
C VAL D 215 2.67 14.96 -16.66
N THR D 216 3.41 15.16 -15.57
CA THR D 216 3.40 14.18 -14.46
C THR D 216 2.39 14.64 -13.41
N VAL D 217 1.84 13.69 -12.65
CA VAL D 217 0.85 13.99 -11.60
C VAL D 217 1.25 13.22 -10.35
N ASN D 218 1.63 13.95 -9.31
CA ASN D 218 2.12 13.31 -8.07
C ASN D 218 1.46 13.93 -6.85
N ALA D 219 1.57 13.23 -5.73
CA ALA D 219 0.99 13.72 -4.49
C ALA D 219 1.99 13.67 -3.34
N ILE D 220 1.89 14.65 -2.46
CA ILE D 220 2.67 14.69 -1.22
C ILE D 220 1.67 14.54 -0.08
N LEU D 221 2.04 13.70 0.89
CA LEU D 221 1.20 13.39 2.04
C LEU D 221 1.93 13.85 3.31
N PRO D 222 1.70 15.11 3.72
CA PRO D 222 2.33 15.60 4.94
C PRO D 222 1.87 14.84 6.16
N GLY D 223 2.79 14.62 7.10
CA GLY D 223 2.43 14.09 8.40
C GLY D 223 2.11 15.27 9.30
N ASN D 224 2.79 15.32 10.45
CA ASN D 224 2.56 16.39 11.41
CA ASN D 224 2.54 16.42 11.35
C ASN D 224 3.57 17.53 11.20
N ILE D 225 3.11 18.63 10.61
CA ILE D 225 3.94 19.75 10.23
C ILE D 225 3.64 20.89 11.20
N LEU D 226 4.68 21.53 11.72
CA LEU D 226 4.51 22.63 12.64
C LEU D 226 3.92 23.87 11.93
N THR D 227 2.66 24.17 12.22
CA THR D 227 1.99 25.37 11.74
C THR D 227 1.72 26.37 12.88
N GLU D 228 1.29 27.57 12.51
CA GLU D 228 0.93 28.62 13.47
C GLU D 228 0.03 28.11 14.59
N GLY D 229 -1.03 27.39 14.23
CA GLY D 229 -1.99 26.86 15.21
C GLY D 229 -1.37 25.93 16.24
N LEU D 230 -0.40 25.13 15.81
CA LEU D 230 0.30 24.22 16.74
C LEU D 230 1.26 25.00 17.64
N VAL D 231 1.94 26.00 17.08
CA VAL D 231 2.82 26.86 17.89
C VAL D 231 2.02 27.50 19.04
N ASP D 232 0.80 27.94 18.75
CA ASP D 232 -0.05 28.61 19.75
C ASP D 232 -0.50 27.69 20.90
N MET D 233 -0.36 26.38 20.71
CA MET D 233 -0.69 25.40 21.74
C MET D 233 0.37 25.29 22.84
N GLY D 234 1.60 25.73 22.56
CA GLY D 234 2.66 25.74 23.57
C GLY D 234 3.58 24.52 23.46
N GLU D 235 4.75 24.64 24.07
CA GLU D 235 5.83 23.66 23.89
C GLU D 235 5.52 22.29 24.46
N GLU D 236 4.80 22.24 25.58
CA GLU D 236 4.42 20.94 26.17
C GLU D 236 3.56 20.12 25.23
N TYR D 237 2.58 20.77 24.60
CA TYR D 237 1.72 20.13 23.61
C TYR D 237 2.54 19.65 22.40
N ILE D 238 3.41 20.51 21.89
CA ILE D 238 4.24 20.17 20.75
C ILE D 238 5.20 18.99 21.11
N SER D 239 5.84 19.08 22.28
CA SER D 239 6.70 17.99 22.77
C SER D 239 5.98 16.66 22.86
N GLY D 240 4.74 16.69 23.36
CA GLY D 240 3.89 15.49 23.41
C GLY D 240 3.65 14.82 22.06
N MET D 241 3.26 15.63 21.07
CA MET D 241 3.20 15.17 19.69
C MET D 241 4.54 14.62 19.18
N ALA D 242 5.63 15.34 19.45
CA ALA D 242 6.97 14.97 18.96
C ALA D 242 7.47 13.59 19.48
N ARG D 243 7.02 13.19 20.68
CA ARG D 243 7.37 11.89 21.27
C ARG D 243 6.86 10.67 20.48
N SER D 244 5.88 10.87 19.59
CA SER D 244 5.42 9.81 18.67
C SER D 244 6.19 9.78 17.36
N ILE D 245 7.11 10.72 17.18
CA ILE D 245 7.81 10.86 15.90
C ILE D 245 9.26 10.41 16.02
N PRO D 246 9.65 9.34 15.28
CA PRO D 246 11.05 8.87 15.39
C PRO D 246 12.06 10.00 15.23
N MET D 247 11.84 10.88 14.26
CA MET D 247 12.76 12.02 14.02
C MET D 247 12.90 12.98 15.22
N GLY D 248 11.89 13.01 16.10
CA GLY D 248 12.00 13.71 17.38
C GLY D 248 11.49 15.14 17.32
N MET D 249 10.93 15.54 16.18
CA MET D 249 10.40 16.88 16.00
C MET D 249 9.30 16.92 14.92
N LEU D 250 8.49 17.96 14.93
CA LEU D 250 7.49 18.16 13.89
C LEU D 250 8.15 18.75 12.65
N GLY D 251 7.59 18.49 11.47
CA GLY D 251 8.17 19.04 10.23
C GLY D 251 7.88 20.52 10.02
N SER D 252 8.32 21.05 8.89
CA SER D 252 8.01 22.44 8.57
C SER D 252 7.40 22.57 7.18
N PRO D 253 6.69 23.69 6.91
CA PRO D 253 6.16 23.89 5.55
C PRO D 253 7.19 23.76 4.42
N VAL D 254 8.44 24.19 4.63
CA VAL D 254 9.47 24.04 3.59
C VAL D 254 9.85 22.61 3.28
N ASP D 255 9.65 21.68 4.22
CA ASP D 255 9.82 20.24 3.92
C ASP D 255 8.88 19.83 2.80
N ILE D 256 7.62 20.30 2.86
CA ILE D 256 6.68 20.06 1.75
C ILE D 256 7.10 20.82 0.50
N GLY D 257 7.43 22.11 0.63
CA GLY D 257 7.87 22.92 -0.52
C GLY D 257 9.09 22.39 -1.28
N HIS D 258 10.11 21.92 -0.56
CA HIS D 258 11.29 21.34 -1.19
C HIS D 258 11.00 20.06 -2.00
N LEU D 259 10.12 19.19 -1.49
CA LEU D 259 9.68 18.02 -2.27
C LEU D 259 8.88 18.42 -3.53
N ALA D 260 7.95 19.36 -3.37
CA ALA D 260 7.20 19.91 -4.51
C ALA D 260 8.16 20.46 -5.59
N ALA D 261 9.17 21.22 -5.15
CA ALA D 261 10.16 21.78 -6.05
C ALA D 261 10.91 20.70 -6.81
N PHE D 262 11.31 19.62 -6.11
CA PHE D 262 11.98 18.53 -6.77
C PHE D 262 11.07 17.89 -7.84
N LEU D 263 9.82 17.61 -7.48
CA LEU D 263 8.87 16.96 -8.39
C LEU D 263 8.66 17.81 -9.66
N ALA D 264 8.74 19.14 -9.51
CA ALA D 264 8.56 20.09 -10.62
C ALA D 264 9.75 20.16 -11.60
N THR D 265 10.90 19.61 -11.22
CA THR D 265 12.10 19.70 -12.07
C THR D 265 11.99 18.85 -13.34
N ASP D 266 12.75 19.23 -14.37
CA ASP D 266 12.94 18.37 -15.53
C ASP D 266 13.45 17.00 -15.09
N GLU D 267 14.33 16.98 -14.10
CA GLU D 267 14.96 15.73 -13.60
C GLU D 267 14.00 14.69 -12.99
N ALA D 268 12.76 15.10 -12.70
CA ALA D 268 11.76 14.20 -12.12
C ALA D 268 10.70 13.78 -13.15
N GLY D 269 11.02 13.96 -14.43
CA GLY D 269 10.10 13.64 -15.54
C GLY D 269 9.63 12.20 -15.72
N TYR D 270 10.26 11.24 -15.04
CA TYR D 270 9.84 9.85 -15.16
C TYR D 270 9.07 9.37 -13.91
N ILE D 271 8.81 10.31 -13.00
CA ILE D 271 8.09 10.00 -11.76
C ILE D 271 6.65 10.48 -11.87
N THR D 272 5.71 9.56 -11.81
CA THR D 272 4.31 9.94 -11.91
C THR D 272 3.43 8.98 -11.10
N GLY D 273 2.31 9.50 -10.58
CA GLY D 273 1.37 8.69 -9.80
C GLY D 273 1.81 8.32 -8.39
N GLN D 274 2.79 9.04 -7.84
CA GLN D 274 3.36 8.70 -6.54
C GLN D 274 2.66 9.44 -5.42
N ALA D 275 2.56 8.78 -4.28
CA ALA D 275 2.02 9.37 -3.08
C ALA D 275 3.18 9.33 -2.05
N ILE D 276 3.83 10.46 -1.80
CA ILE D 276 5.04 10.44 -0.98
C ILE D 276 4.78 11.09 0.36
N VAL D 277 4.99 10.32 1.43
CA VAL D 277 4.74 10.75 2.81
C VAL D 277 5.97 11.50 3.35
N VAL D 278 5.72 12.64 3.98
CA VAL D 278 6.74 13.52 4.59
C VAL D 278 6.33 13.68 6.06
N ASP D 279 6.86 12.79 6.91
CA ASP D 279 6.34 12.69 8.27
C ASP D 279 7.35 12.36 9.38
N GLY D 280 8.64 12.34 9.07
CA GLY D 280 9.66 12.03 10.08
C GLY D 280 9.57 10.61 10.66
N GLY D 281 8.91 9.70 9.94
CA GLY D 281 8.73 8.32 10.39
C GLY D 281 7.50 8.09 11.24
N GLN D 282 6.65 9.10 11.37
CA GLN D 282 5.49 9.00 12.27
C GLN D 282 4.62 7.74 12.04
N VAL D 283 4.38 7.37 10.79
CA VAL D 283 3.48 6.23 10.53
C VAL D 283 4.14 4.85 10.69
N LEU D 284 5.43 4.82 10.99
CA LEU D 284 6.19 3.56 11.09
C LEU D 284 6.07 2.77 12.41
N PRO D 285 6.23 3.41 13.59
CA PRO D 285 6.26 2.57 14.81
C PRO D 285 4.96 1.78 15.04
N GLU D 286 5.13 0.54 15.46
CA GLU D 286 4.03 -0.36 15.70
C GLU D 286 3.17 0.04 16.94
N SER D 287 3.81 0.70 17.90
CA SER D 287 3.16 1.03 19.17
C SER D 287 4.05 2.09 19.83
N PRO D 288 3.58 2.70 20.94
CA PRO D 288 4.39 3.73 21.67
C PRO D 288 5.78 3.24 22.12
N ASP D 289 5.89 1.98 22.53
CA ASP D 289 7.18 1.41 22.93
C ASP D 289 8.17 1.21 21.77
N ALA D 290 7.66 1.18 20.53
CA ALA D 290 8.48 1.05 19.33
C ALA D 290 9.01 2.38 18.73
N VAL D 291 8.65 3.52 19.32
CA VAL D 291 9.04 4.81 18.71
C VAL D 291 10.54 5.13 18.88
N ASN D 292 11.09 4.86 20.06
CA ASN D 292 12.53 5.04 20.32
C ASN D 292 13.28 3.72 20.56
N PRO D 293 14.50 3.61 20.00
CA PRO D 293 15.29 2.44 20.36
C PRO D 293 16.01 2.63 21.72
#